data_2I47
#
_entry.id   2I47
#
_cell.length_a   61.775
_cell.length_b   126.193
_cell.length_c   81.224
_cell.angle_alpha   90.00
_cell.angle_beta   107.41
_cell.angle_gamma   90.00
#
_symmetry.space_group_name_H-M   'P 1 21 1'
#
loop_
_entity.id
_entity.type
_entity.pdbx_description
1 polymer 'ADAM 17'
2 non-polymer 'ZINC ION'
3 non-polymer N-{(2R)-2-[2-(hydroxyamino)-2-oxoethyl]-4-methylpentanoyl}-3-methyl-L-valyl-N-(2-aminoethyl)-L-alaninamide
4 non-polymer 4-({[4-(BUT-2-YN-1-YLOXY)PHENYL]SULFONYL}METHYL)-1-[(3,5-DIMETHYLISOXAZOL-4-YL)SULFONYL]-N-HYDROXYPIPERIDINE-4-CARBOXAMIDE
5 water water
#
_entity_poly.entity_id   1
_entity_poly.type   'polypeptide(L)'
_entity_poly.pdbx_seq_one_letter_code
;VKRRADPDPMKNTCKLLVVADHRFYRYMGRGEESTTTNYLIELIDRVDDIYRNTAWDNAGFKGYGIQIEQIRILKSPQEV
KPGEKHYNMAKSYPNEEKDAWDVKMLLEQFSFDIAEEASKVCLAHLFTYQDFDMGTLGLAYVGSPRANSHGGVCPKAYYS
PVGKKNIYLNSGLTSTKNYGKTILTKEADLVTTHELGHNFGAEHDPDGLAECAPNEDQGGKYVMYPIAVSGDHENNKMFS
QCSKQSIYKTIESKAQECFQERSNKVCGNSRVDEGEECDPGSHHHHHH
;
_entity_poly.pdbx_strand_id   A,B,C,D
#
loop_
_chem_comp.id
_chem_comp.type
_chem_comp.name
_chem_comp.formula
INN peptide-like N-{(2R)-2-[2-(hydroxyamino)-2-oxoethyl]-4-methylpentanoyl}-3-methyl-L-valyl-N-(2-aminoethyl)-L-alaninamide 'C19 H37 N5 O5'
KGY non-polymer 4-({[4-(BUT-2-YN-1-YLOXY)PHENYL]SULFONYL}METHYL)-1-[(3,5-DIMETHYLISOXAZOL-4-YL)SULFONYL]-N-HYDROXYPIPERIDINE-4-CARBOXAMIDE 'C22 H27 N3 O8 S2'
ZN non-polymer 'ZINC ION' 'Zn 2'
#
# COMPACT_ATOMS: atom_id res chain seq x y z
N PRO A 9 -4.89 17.55 -5.68
CA PRO A 9 -3.66 17.83 -4.91
C PRO A 9 -3.23 16.66 -3.98
N MET A 10 -4.17 15.78 -3.64
CA MET A 10 -3.87 14.66 -2.75
C MET A 10 -3.17 13.49 -3.50
N LYS A 11 -3.62 13.20 -4.71
CA LYS A 11 -3.01 12.13 -5.51
C LYS A 11 -1.79 12.69 -6.22
N ASN A 12 -0.67 12.73 -5.49
CA ASN A 12 0.57 13.27 -6.02
C ASN A 12 1.79 12.34 -5.93
N THR A 13 1.59 11.06 -5.67
CA THR A 13 2.70 10.15 -5.53
C THR A 13 2.62 8.92 -6.43
N CYS A 14 3.69 8.71 -7.19
CA CYS A 14 3.78 7.56 -8.09
C CYS A 14 4.40 6.41 -7.28
N LYS A 15 3.59 5.41 -6.94
CA LYS A 15 4.03 4.26 -6.16
C LYS A 15 4.87 3.37 -7.02
N LEU A 16 5.99 2.91 -6.47
CA LEU A 16 6.98 2.16 -7.24
C LEU A 16 6.99 0.70 -6.83
N LEU A 17 7.24 -0.19 -7.79
CA LEU A 17 7.88 -1.47 -7.51
C LEU A 17 9.38 -1.42 -7.82
N VAL A 18 10.19 -1.57 -6.79
CA VAL A 18 11.64 -1.57 -6.94
C VAL A 18 12.20 -2.99 -6.83
N VAL A 19 12.97 -3.40 -7.84
CA VAL A 19 13.56 -4.74 -7.86
C VAL A 19 15.04 -4.70 -8.00
N ALA A 20 15.73 -5.44 -7.14
CA ALA A 20 17.17 -5.55 -7.20
C ALA A 20 17.46 -6.97 -7.62
N ASP A 21 18.13 -7.15 -8.77
CA ASP A 21 18.43 -8.49 -9.24
C ASP A 21 19.60 -9.06 -8.45
N HIS A 22 19.97 -10.31 -8.73
CA HIS A 22 21.06 -10.95 -8.00
C HIS A 22 22.40 -10.25 -8.12
N ARG A 23 22.63 -9.57 -9.24
CA ARG A 23 23.88 -8.86 -9.46
C ARG A 23 23.99 -7.65 -8.54
N PHE A 24 22.91 -6.89 -8.44
CA PHE A 24 22.89 -5.71 -7.58
C PHE A 24 23.04 -6.18 -6.11
N TYR A 25 22.30 -7.23 -5.75
CA TYR A 25 22.34 -7.80 -4.41
C TYR A 25 23.79 -8.12 -3.99
N ARG A 26 24.50 -8.81 -4.88
CA ARG A 26 25.88 -9.21 -4.63
C ARG A 26 26.94 -8.10 -4.61
N TYR A 27 27.00 -7.28 -5.65
CA TYR A 27 28.01 -6.23 -5.75
C TYR A 27 27.75 -4.90 -5.08
N MET A 28 26.48 -4.52 -4.95
CA MET A 28 26.13 -3.26 -4.30
C MET A 28 25.63 -3.47 -2.88
N GLY A 29 24.96 -4.59 -2.64
CA GLY A 29 24.43 -4.87 -1.31
C GLY A 29 25.29 -5.78 -0.45
N ARG A 30 26.44 -6.21 -0.96
CA ARG A 30 27.36 -7.09 -0.24
C ARG A 30 26.71 -8.44 0.12
N GLY A 31 25.72 -8.85 -0.66
CA GLY A 31 25.03 -10.10 -0.41
C GLY A 31 24.20 -10.08 0.85
N GLU A 32 23.84 -8.89 1.31
CA GLU A 32 23.03 -8.72 2.51
C GLU A 32 21.74 -8.06 2.15
N GLU A 33 20.64 -8.65 2.60
CA GLU A 33 19.33 -8.10 2.31
C GLU A 33 19.15 -6.71 2.90
N SER A 34 19.61 -6.52 4.13
CA SER A 34 19.47 -5.22 4.80
C SER A 34 20.22 -4.09 4.04
N THR A 35 21.47 -4.34 3.71
CA THR A 35 22.29 -3.36 3.00
C THR A 35 21.70 -3.00 1.64
N THR A 36 21.21 -4.01 0.92
CA THR A 36 20.64 -3.80 -0.39
C THR A 36 19.38 -2.96 -0.28
N THR A 37 18.49 -3.38 0.61
CA THR A 37 17.22 -2.67 0.84
C THR A 37 17.45 -1.21 1.24
N ASN A 38 18.32 -0.98 2.22
CA ASN A 38 18.60 0.38 2.67
C ASN A 38 19.18 1.25 1.57
N TYR A 39 20.14 0.74 0.84
CA TYR A 39 20.65 1.43 -0.32
C TYR A 39 19.54 1.98 -1.25
N LEU A 40 18.55 1.14 -1.53
CA LEU A 40 17.54 1.48 -2.52
C LEU A 40 16.43 2.34 -1.92
N ILE A 41 16.15 2.13 -0.64
CA ILE A 41 15.31 3.03 0.13
C ILE A 41 15.88 4.45 0.13
N GLU A 42 17.17 4.56 0.44
CA GLU A 42 17.84 5.85 0.50
C GLU A 42 17.97 6.54 -0.86
N LEU A 43 18.32 5.78 -1.90
CA LEU A 43 18.47 6.35 -3.23
C LEU A 43 17.14 6.89 -3.75
N ILE A 44 16.07 6.10 -3.61
CA ILE A 44 14.76 6.55 -4.09
C ILE A 44 14.32 7.81 -3.34
N ASP A 45 14.63 7.86 -2.04
CA ASP A 45 14.30 9.01 -1.20
C ASP A 45 15.06 10.26 -1.70
N ARG A 46 16.32 10.10 -2.05
CA ARG A 46 17.11 11.23 -2.55
C ARG A 46 16.57 11.70 -3.90
N VAL A 47 16.16 10.75 -4.74
CA VAL A 47 15.59 11.09 -6.05
C VAL A 47 14.23 11.81 -5.82
N ASP A 48 13.49 11.35 -4.83
CA ASP A 48 12.20 11.94 -4.49
C ASP A 48 12.38 13.43 -4.07
N ASP A 49 13.46 13.73 -3.35
CA ASP A 49 13.70 15.11 -2.95
C ASP A 49 13.75 16.00 -4.20
N ILE A 50 14.43 15.54 -5.24
CA ILE A 50 14.51 16.29 -6.49
C ILE A 50 13.11 16.48 -7.07
N TYR A 51 12.36 15.38 -7.21
CA TYR A 51 11.03 15.46 -7.77
C TYR A 51 10.04 16.32 -7.00
N ARG A 52 9.90 16.06 -5.69
CA ARG A 52 8.95 16.81 -4.87
C ARG A 52 9.15 18.31 -4.84
N ASN A 53 10.41 18.74 -4.91
CA ASN A 53 10.72 20.16 -4.86
C ASN A 53 10.69 20.85 -6.22
N THR A 54 10.37 20.11 -7.26
CA THR A 54 10.31 20.70 -8.59
C THR A 54 8.91 21.23 -8.82
N ALA A 55 8.83 22.47 -9.29
CA ALA A 55 7.55 23.10 -9.60
C ALA A 55 7.42 22.94 -11.10
N TRP A 56 6.69 21.92 -11.52
CA TRP A 56 6.52 21.63 -12.95
C TRP A 56 5.95 22.75 -13.80
N ASP A 57 5.15 23.61 -13.20
CA ASP A 57 4.56 24.74 -13.94
C ASP A 57 5.22 26.07 -13.51
N ASN A 58 6.35 25.96 -12.83
CA ASN A 58 7.10 27.11 -12.32
C ASN A 58 6.29 27.96 -11.31
N ALA A 59 5.26 27.35 -10.72
CA ALA A 59 4.41 28.01 -9.75
C ALA A 59 4.15 27.07 -8.56
N GLY A 60 2.91 26.65 -8.38
CA GLY A 60 2.57 25.77 -7.28
C GLY A 60 2.33 24.30 -7.59
N PHE A 61 2.51 23.87 -8.83
CA PHE A 61 2.30 22.46 -9.17
C PHE A 61 3.58 21.75 -8.71
N LYS A 62 3.67 21.58 -7.39
CA LYS A 62 4.81 20.99 -6.70
C LYS A 62 4.32 19.86 -5.80
N GLY A 63 5.25 19.16 -5.17
CA GLY A 63 4.86 18.09 -4.27
C GLY A 63 4.64 16.72 -4.87
N TYR A 64 4.89 16.60 -6.17
CA TYR A 64 4.73 15.32 -6.87
C TYR A 64 6.03 14.56 -6.85
N GLY A 65 5.97 13.30 -6.44
CA GLY A 65 7.18 12.50 -6.38
C GLY A 65 6.97 11.01 -6.48
N ILE A 66 7.89 10.28 -5.89
CA ILE A 66 7.87 8.82 -5.91
C ILE A 66 7.99 8.26 -4.54
N GLN A 67 7.51 7.04 -4.37
CA GLN A 67 7.56 6.36 -3.09
C GLN A 67 7.53 4.90 -3.34
N ILE A 68 8.39 4.16 -2.65
CA ILE A 68 8.44 2.72 -2.83
C ILE A 68 7.22 2.05 -2.23
N GLU A 69 6.53 1.26 -3.05
CA GLU A 69 5.35 0.52 -2.60
C GLU A 69 5.79 -0.89 -2.20
N GLN A 70 6.64 -1.49 -3.03
CA GLN A 70 7.14 -2.84 -2.79
C GLN A 70 8.59 -2.96 -3.23
N ILE A 71 9.39 -3.66 -2.44
CA ILE A 71 10.79 -3.89 -2.76
C ILE A 71 11.02 -5.39 -2.87
N ARG A 72 11.66 -5.81 -3.95
CA ARG A 72 11.95 -7.22 -4.16
C ARG A 72 13.42 -7.40 -4.35
N ILE A 73 14.03 -8.20 -3.47
CA ILE A 73 15.47 -8.46 -3.56
C ILE A 73 15.67 -9.89 -4.01
N LEU A 74 16.19 -10.06 -5.22
CA LEU A 74 16.46 -11.38 -5.78
C LEU A 74 17.85 -11.79 -5.36
N LYS A 75 17.93 -12.61 -4.32
CA LYS A 75 19.20 -13.06 -3.76
C LYS A 75 20.06 -14.01 -4.61
N SER A 76 19.41 -14.77 -5.49
CA SER A 76 20.16 -15.69 -6.35
C SER A 76 19.66 -15.62 -7.76
N PRO A 77 20.47 -16.07 -8.73
CA PRO A 77 20.04 -16.02 -10.12
C PRO A 77 18.84 -16.92 -10.37
N GLN A 78 18.09 -16.61 -11.42
CA GLN A 78 16.92 -17.38 -11.78
C GLN A 78 17.29 -18.56 -12.64
N GLU A 79 17.12 -19.76 -12.10
CA GLU A 79 17.43 -20.98 -12.85
C GLU A 79 16.56 -21.00 -14.09
N VAL A 80 17.19 -21.20 -15.24
CA VAL A 80 16.45 -21.20 -16.50
C VAL A 80 16.70 -22.45 -17.35
N LYS A 81 15.63 -22.94 -17.98
CA LYS A 81 15.72 -24.12 -18.83
C LYS A 81 16.28 -23.73 -20.21
N PRO A 82 16.77 -24.71 -20.99
CA PRO A 82 17.34 -24.49 -22.32
C PRO A 82 16.50 -23.61 -23.25
N GLY A 83 17.15 -22.65 -23.89
CA GLY A 83 16.48 -21.74 -24.81
C GLY A 83 15.53 -20.74 -24.17
N GLU A 84 15.30 -20.92 -22.87
CA GLU A 84 14.43 -20.08 -22.08
C GLU A 84 15.25 -18.92 -21.46
N LYS A 85 14.59 -17.81 -21.13
CA LYS A 85 15.28 -16.67 -20.54
C LYS A 85 14.46 -15.92 -19.50
N HIS A 86 15.16 -15.21 -18.61
CA HIS A 86 14.53 -14.45 -17.54
C HIS A 86 15.48 -13.27 -17.22
N TYR A 87 14.92 -12.10 -16.89
CA TYR A 87 15.76 -10.94 -16.59
C TYR A 87 16.77 -11.17 -15.46
N ASN A 88 16.42 -12.06 -14.53
CA ASN A 88 17.29 -12.35 -13.39
C ASN A 88 18.16 -13.63 -13.59
N MET A 89 18.30 -14.08 -14.84
CA MET A 89 19.10 -15.26 -15.12
C MET A 89 20.56 -14.90 -14.91
N ALA A 90 21.38 -15.91 -14.59
CA ALA A 90 22.80 -15.69 -14.34
C ALA A 90 23.57 -15.17 -15.56
N LYS A 91 23.30 -15.74 -16.73
CA LYS A 91 23.99 -15.34 -17.95
C LYS A 91 23.36 -14.12 -18.60
N SER A 92 24.18 -13.34 -19.28
CA SER A 92 23.70 -12.16 -19.98
C SER A 92 23.11 -12.63 -21.31
N TYR A 93 22.16 -11.87 -21.83
CA TYR A 93 21.49 -12.21 -23.08
C TYR A 93 21.53 -11.01 -24.03
N PRO A 94 21.66 -11.26 -25.34
CA PRO A 94 21.78 -12.56 -26.00
C PRO A 94 23.22 -13.08 -26.14
N ASN A 95 24.19 -12.27 -25.75
CA ASN A 95 25.59 -12.65 -25.84
C ASN A 95 26.16 -13.03 -24.48
N GLU A 96 26.17 -14.33 -24.21
CA GLU A 96 26.66 -14.89 -22.94
C GLU A 96 28.10 -14.46 -22.54
N GLU A 97 28.91 -14.10 -23.53
CA GLU A 97 30.30 -13.70 -23.26
C GLU A 97 30.44 -12.27 -22.75
N LYS A 98 29.40 -11.45 -22.91
CA LYS A 98 29.44 -10.07 -22.47
C LYS A 98 29.13 -9.92 -21.00
N ASP A 99 29.66 -8.85 -20.40
CA ASP A 99 29.42 -8.57 -18.99
C ASP A 99 27.95 -8.26 -18.74
N ALA A 100 27.27 -7.76 -19.78
CA ALA A 100 25.92 -7.24 -19.63
C ALA A 100 24.99 -7.78 -20.72
N TRP A 101 23.71 -7.89 -20.38
CA TRP A 101 22.66 -7.91 -21.40
C TRP A 101 22.90 -6.83 -22.46
N ASP A 102 22.27 -7.00 -23.61
CA ASP A 102 21.79 -5.86 -24.39
C ASP A 102 20.69 -5.10 -23.65
N VAL A 103 20.95 -3.83 -23.36
CA VAL A 103 20.05 -3.04 -22.51
C VAL A 103 18.57 -2.99 -22.92
N LYS A 104 18.29 -2.84 -24.21
CA LYS A 104 16.90 -2.80 -24.66
C LYS A 104 16.17 -4.11 -24.38
N MET A 105 16.81 -5.23 -24.71
CA MET A 105 16.20 -6.53 -24.48
C MET A 105 16.01 -6.81 -22.98
N LEU A 106 16.91 -6.28 -22.15
CA LEU A 106 16.80 -6.47 -20.71
C LEU A 106 15.56 -5.73 -20.19
N LEU A 107 15.37 -4.49 -20.63
CA LEU A 107 14.20 -3.73 -20.19
C LEU A 107 12.92 -4.46 -20.66
N GLU A 108 12.93 -4.92 -21.91
CA GLU A 108 11.81 -5.65 -22.48
C GLU A 108 11.49 -6.93 -21.68
N GLN A 109 12.54 -7.66 -21.30
CA GLN A 109 12.37 -8.89 -20.54
C GLN A 109 11.86 -8.61 -19.17
N PHE A 110 12.43 -7.59 -18.53
CA PHE A 110 12.01 -7.20 -17.20
C PHE A 110 10.51 -6.95 -17.19
N SER A 111 10.05 -6.12 -18.13
CA SER A 111 8.63 -5.78 -18.24
C SER A 111 7.75 -7.04 -18.39
N PHE A 112 8.22 -8.00 -19.19
CA PHE A 112 7.47 -9.23 -19.41
C PHE A 112 7.36 -10.09 -18.17
N ASP A 113 8.49 -10.38 -17.54
CA ASP A 113 8.51 -11.22 -16.34
C ASP A 113 7.86 -10.62 -15.11
N ILE A 114 7.94 -9.30 -15.00
CA ILE A 114 7.37 -8.60 -13.85
C ILE A 114 5.93 -8.05 -14.14
N ALA A 115 5.40 -8.37 -15.32
CA ALA A 115 4.07 -7.89 -15.73
C ALA A 115 3.01 -7.91 -14.64
N GLU A 116 2.75 -9.09 -14.08
CA GLU A 116 1.74 -9.24 -13.04
C GLU A 116 1.87 -8.18 -11.92
N GLU A 117 3.08 -8.04 -11.39
CA GLU A 117 3.33 -7.08 -10.32
C GLU A 117 3.30 -5.61 -10.81
N ALA A 118 3.78 -5.37 -12.01
CA ALA A 118 3.82 -4.02 -12.57
C ALA A 118 2.41 -3.43 -12.79
N SER A 119 1.43 -4.28 -13.07
CA SER A 119 0.07 -3.80 -13.29
C SER A 119 -0.54 -3.20 -12.02
N LYS A 120 0.08 -3.49 -10.88
CA LYS A 120 -0.41 -3.01 -9.59
C LYS A 120 0.20 -1.66 -9.10
N VAL A 121 1.22 -1.17 -9.81
CA VAL A 121 1.87 0.08 -9.41
C VAL A 121 2.00 1.09 -10.54
N CYS A 122 2.35 2.31 -10.17
CA CYS A 122 2.54 3.39 -11.14
C CYS A 122 3.77 3.13 -12.03
N LEU A 123 4.87 2.70 -11.42
CA LEU A 123 6.09 2.39 -12.15
C LEU A 123 6.88 1.23 -11.50
N ALA A 124 7.61 0.49 -12.34
CA ALA A 124 8.43 -0.61 -11.89
C ALA A 124 9.86 -0.27 -12.33
N HIS A 125 10.83 -0.41 -11.44
CA HIS A 125 12.20 -0.08 -11.78
C HIS A 125 13.16 -1.18 -11.38
N LEU A 126 14.08 -1.50 -12.28
CA LEU A 126 15.06 -2.55 -12.03
C LEU A 126 16.43 -1.99 -11.75
N PHE A 127 17.03 -2.41 -10.66
CA PHE A 127 18.38 -1.99 -10.30
C PHE A 127 19.25 -3.16 -10.51
N THR A 128 20.28 -3.00 -11.32
CA THR A 128 21.18 -4.10 -11.62
C THR A 128 22.62 -3.63 -11.56
N TYR A 129 23.55 -4.56 -11.76
CA TYR A 129 24.97 -4.26 -11.75
C TYR A 129 25.63 -5.01 -12.89
N GLN A 130 25.57 -4.44 -14.08
CA GLN A 130 26.17 -5.03 -15.27
C GLN A 130 26.63 -3.93 -16.15
N ASP A 131 27.74 -4.15 -16.84
CA ASP A 131 28.34 -3.15 -17.70
C ASP A 131 27.81 -3.13 -19.14
N PHE A 132 26.68 -2.45 -19.35
CA PHE A 132 26.09 -2.34 -20.69
C PHE A 132 27.11 -1.79 -21.66
N ASP A 133 27.09 -2.28 -22.89
CA ASP A 133 28.07 -1.80 -23.87
C ASP A 133 28.00 -0.32 -24.19
N MET A 134 29.14 0.24 -24.56
CA MET A 134 29.19 1.60 -25.07
C MET A 134 28.56 2.58 -24.09
N GLY A 135 28.81 2.37 -22.81
CA GLY A 135 28.79 3.45 -21.84
C GLY A 135 27.41 3.73 -21.29
N THR A 136 26.46 2.85 -21.63
CA THR A 136 25.06 3.04 -21.25
C THR A 136 24.84 2.76 -19.77
N LEU A 137 24.09 3.63 -19.11
CA LEU A 137 23.85 3.51 -17.68
C LEU A 137 22.43 3.03 -17.32
N GLY A 138 21.45 3.43 -18.11
CA GLY A 138 20.09 3.04 -17.83
C GLY A 138 19.20 3.22 -19.04
N LEU A 139 17.92 2.87 -18.89
CA LEU A 139 16.97 2.98 -19.99
C LEU A 139 15.56 3.01 -19.43
N ALA A 140 14.62 3.61 -20.16
CA ALA A 140 13.25 3.68 -19.69
C ALA A 140 12.28 4.08 -20.78
N TYR A 141 11.04 3.65 -20.63
CA TYR A 141 9.99 3.98 -21.58
C TYR A 141 9.50 5.37 -21.29
N VAL A 142 9.24 6.14 -22.34
CA VAL A 142 8.80 7.51 -22.19
C VAL A 142 7.30 7.63 -21.95
N GLY A 143 6.93 8.36 -20.90
CA GLY A 143 5.52 8.54 -20.58
C GLY A 143 4.88 9.60 -21.47
N SER A 144 3.56 9.72 -21.40
CA SER A 144 2.85 10.70 -22.22
C SER A 144 1.49 11.04 -21.66
N PRO A 145 0.98 12.25 -21.97
CA PRO A 145 -0.33 12.66 -21.47
C PRO A 145 -1.46 11.94 -22.24
N ARG A 146 -1.14 11.45 -23.44
CA ARG A 146 -2.11 10.76 -24.28
C ARG A 146 -2.80 9.65 -23.57
N ALA A 147 -4.12 9.61 -23.71
CA ALA A 147 -4.96 8.60 -23.08
C ALA A 147 -4.53 7.17 -23.37
N ASN A 148 -4.40 6.83 -24.65
CA ASN A 148 -4.00 5.48 -25.04
C ASN A 148 -2.47 5.28 -25.08
N SER A 149 -1.77 6.07 -24.28
CA SER A 149 -0.32 6.00 -24.20
C SER A 149 0.15 4.69 -23.64
N HIS A 150 1.18 4.12 -24.27
CA HIS A 150 1.74 2.86 -23.83
C HIS A 150 3.20 3.05 -23.45
N GLY A 151 3.43 3.53 -22.24
CA GLY A 151 4.78 3.75 -21.77
C GLY A 151 4.81 4.75 -20.64
N GLY A 152 5.79 4.63 -19.76
CA GLY A 152 5.88 5.56 -18.65
C GLY A 152 4.85 5.34 -17.56
N VAL A 153 4.62 6.38 -16.76
CA VAL A 153 3.69 6.32 -15.65
C VAL A 153 2.31 5.76 -15.96
N CYS A 154 1.81 4.95 -15.02
CA CYS A 154 0.51 4.31 -15.08
C CYS A 154 0.47 3.09 -15.97
N PRO A 155 0.06 1.95 -15.41
CA PRO A 155 -0.04 0.68 -16.12
C PRO A 155 -1.13 0.66 -17.19
N LYS A 156 -0.71 0.80 -18.44
CA LYS A 156 -1.63 0.78 -19.59
C LYS A 156 -1.35 -0.50 -20.38
N ALA A 157 -2.06 -1.57 -20.04
CA ALA A 157 -1.90 -2.88 -20.67
C ALA A 157 -1.63 -2.90 -22.15
N TYR A 158 -0.78 -3.83 -22.55
CA TYR A 158 -0.39 -4.04 -23.94
C TYR A 158 -0.38 -5.56 -24.13
N TYR A 159 -1.39 -6.09 -24.81
CA TYR A 159 -1.49 -7.54 -25.00
C TYR A 159 -0.24 -8.16 -25.58
N SER A 160 0.10 -9.34 -25.10
CA SER A 160 1.28 -10.04 -25.56
C SER A 160 1.05 -11.45 -26.07
N PRO A 161 0.96 -11.59 -27.40
CA PRO A 161 0.80 -12.90 -28.02
C PRO A 161 2.05 -13.76 -27.86
N VAL A 162 1.98 -14.75 -26.97
CA VAL A 162 3.17 -15.51 -26.58
C VAL A 162 3.14 -15.83 -25.09
N GLY A 163 2.61 -14.90 -24.29
CA GLY A 163 2.53 -15.07 -22.85
C GLY A 163 1.10 -15.12 -22.35
N LYS A 164 0.15 -15.01 -23.28
CA LYS A 164 -1.28 -15.03 -22.93
C LYS A 164 -1.56 -14.10 -21.77
N LYS A 165 -1.01 -12.90 -21.81
CA LYS A 165 -1.21 -11.93 -20.74
C LYS A 165 -0.85 -10.54 -21.17
N ASN A 166 -1.22 -9.56 -20.35
CA ASN A 166 -0.93 -8.17 -20.64
C ASN A 166 0.45 -7.80 -20.12
N ILE A 167 1.13 -6.92 -20.84
CA ILE A 167 2.45 -6.44 -20.47
C ILE A 167 2.32 -4.94 -20.29
N TYR A 168 3.07 -4.38 -19.36
CA TYR A 168 3.01 -2.95 -19.11
C TYR A 168 4.35 -2.32 -19.27
N LEU A 169 4.42 -1.24 -20.03
CA LEU A 169 5.68 -0.55 -20.28
C LEU A 169 5.91 0.62 -19.30
N ASN A 170 5.47 0.44 -18.06
CA ASN A 170 5.63 1.45 -17.01
C ASN A 170 6.92 1.09 -16.27
N SER A 171 8.00 0.91 -17.03
CA SER A 171 9.26 0.50 -16.45
C SER A 171 10.52 1.22 -16.90
N GLY A 172 11.60 0.96 -16.17
CA GLY A 172 12.89 1.54 -16.45
C GLY A 172 13.92 0.76 -15.66
N LEU A 173 15.20 0.98 -15.94
CA LEU A 173 16.25 0.26 -15.21
C LEU A 173 17.47 1.14 -15.01
N THR A 174 18.23 0.82 -13.97
CA THR A 174 19.44 1.55 -13.61
C THR A 174 20.52 0.56 -13.28
N SER A 175 21.70 0.76 -13.85
CA SER A 175 22.83 -0.10 -13.54
C SER A 175 23.85 0.79 -12.80
N THR A 176 24.46 0.27 -11.74
CA THR A 176 25.45 1.06 -11.03
C THR A 176 26.88 0.66 -11.37
N LYS A 177 27.04 -0.02 -12.49
CA LYS A 177 28.37 -0.41 -12.96
C LYS A 177 28.54 0.13 -14.36
N ASN A 178 29.66 0.79 -14.62
CA ASN A 178 29.93 1.34 -15.94
C ASN A 178 31.41 1.45 -16.11
N TYR A 179 31.90 0.97 -17.25
CA TYR A 179 33.33 0.99 -17.53
C TYR A 179 34.19 0.27 -16.45
N GLY A 180 33.79 -0.94 -16.07
CA GLY A 180 34.54 -1.74 -15.12
C GLY A 180 34.62 -1.31 -13.66
N LYS A 181 33.70 -0.47 -13.20
CA LYS A 181 33.72 -0.05 -11.83
C LYS A 181 32.38 0.44 -11.37
N THR A 182 32.22 0.54 -10.05
CA THR A 182 30.98 1.01 -9.47
C THR A 182 30.93 2.52 -9.66
N ILE A 183 29.80 3.03 -10.13
CA ILE A 183 29.69 4.46 -10.34
C ILE A 183 29.50 5.13 -9.00
N LEU A 184 29.70 6.45 -8.96
CA LEU A 184 29.55 7.21 -7.71
C LEU A 184 28.13 7.23 -7.24
N THR A 185 27.96 7.39 -5.93
CA THR A 185 26.62 7.46 -5.34
C THR A 185 25.82 8.61 -5.97
N LYS A 186 26.45 9.77 -6.16
CA LYS A 186 25.75 10.90 -6.75
C LYS A 186 25.43 10.66 -8.23
N GLU A 187 26.22 9.80 -8.87
CA GLU A 187 25.98 9.47 -10.26
C GLU A 187 24.80 8.53 -10.37
N ALA A 188 24.72 7.57 -9.45
CA ALA A 188 23.61 6.62 -9.42
C ALA A 188 22.30 7.37 -9.25
N ASP A 189 22.29 8.36 -8.36
CA ASP A 189 21.09 9.17 -8.14
C ASP A 189 20.64 9.83 -9.45
N LEU A 190 21.59 10.34 -10.21
CA LEU A 190 21.29 11.00 -11.48
C LEU A 190 20.76 10.04 -12.55
N VAL A 191 21.26 8.80 -12.56
CA VAL A 191 20.78 7.82 -13.54
C VAL A 191 19.30 7.52 -13.31
N THR A 192 18.96 7.19 -12.07
CA THR A 192 17.57 6.88 -11.74
C THR A 192 16.66 8.09 -11.93
N THR A 193 17.14 9.27 -11.55
CA THR A 193 16.35 10.49 -11.73
C THR A 193 16.03 10.65 -13.23
N HIS A 194 17.05 10.44 -14.06
CA HIS A 194 16.95 10.54 -15.51
C HIS A 194 15.98 9.53 -16.11
N GLU A 195 16.11 8.26 -15.72
CA GLU A 195 15.23 7.22 -16.26
C GLU A 195 13.79 7.43 -15.81
N LEU A 196 13.61 7.76 -14.53
CA LEU A 196 12.28 8.04 -14.01
C LEU A 196 11.74 9.30 -14.73
N GLY A 197 12.64 10.18 -15.14
CA GLY A 197 12.25 11.39 -15.85
C GLY A 197 11.55 11.03 -17.14
N HIS A 198 12.10 10.03 -17.86
CA HIS A 198 11.48 9.58 -19.10
C HIS A 198 10.11 9.03 -18.79
N ASN A 199 10.03 8.19 -17.76
CA ASN A 199 8.75 7.60 -17.35
C ASN A 199 7.71 8.66 -17.07
N PHE A 200 8.16 9.79 -16.52
CA PHE A 200 7.28 10.91 -16.19
C PHE A 200 6.91 11.77 -17.42
N GLY A 201 7.46 11.43 -18.59
CA GLY A 201 7.13 12.16 -19.80
C GLY A 201 8.20 13.00 -20.47
N ALA A 202 9.37 13.10 -19.87
CA ALA A 202 10.42 13.91 -20.46
C ALA A 202 11.23 13.23 -21.53
N GLU A 203 11.60 13.99 -22.56
CA GLU A 203 12.45 13.49 -23.64
C GLU A 203 13.83 14.03 -23.29
N HIS A 204 14.80 13.88 -24.17
CA HIS A 204 16.14 14.37 -23.87
C HIS A 204 16.23 15.86 -24.11
N ASP A 205 17.07 16.54 -23.34
CA ASP A 205 17.21 17.97 -23.53
C ASP A 205 17.99 18.24 -24.78
N PRO A 206 17.52 19.19 -25.60
CA PRO A 206 18.19 19.53 -26.85
C PRO A 206 19.16 20.69 -26.62
N ASP A 207 20.07 20.92 -27.55
CA ASP A 207 21.01 22.02 -27.42
C ASP A 207 20.48 23.22 -28.20
N GLY A 208 20.92 24.42 -27.82
CA GLY A 208 20.46 25.62 -28.53
C GLY A 208 19.68 26.65 -27.75
N LEU A 209 19.07 27.57 -28.49
CA LEU A 209 18.27 28.66 -27.94
C LEU A 209 17.16 28.29 -26.90
N ALA A 210 16.79 27.02 -26.86
CA ALA A 210 15.74 26.55 -25.97
C ALA A 210 16.06 26.66 -24.48
N GLU A 211 17.29 27.04 -24.15
CA GLU A 211 17.67 27.26 -22.74
C GLU A 211 17.71 26.02 -21.93
N CYS A 212 17.65 24.88 -22.59
CA CYS A 212 17.60 23.60 -21.91
C CYS A 212 18.93 22.86 -21.78
N ALA A 213 20.02 23.50 -22.20
CA ALA A 213 21.34 22.91 -22.11
C ALA A 213 22.36 24.04 -21.88
N PRO A 214 22.31 24.67 -20.69
CA PRO A 214 23.21 25.78 -20.31
C PRO A 214 24.68 25.42 -20.29
N ASN A 215 25.54 26.43 -20.46
CA ASN A 215 26.98 26.20 -20.42
C ASN A 215 27.37 26.08 -18.96
N GLU A 216 28.59 25.62 -18.70
CA GLU A 216 29.06 25.47 -17.33
C GLU A 216 28.93 26.76 -16.52
N ASP A 217 29.22 27.90 -17.15
CA ASP A 217 29.13 29.20 -16.48
C ASP A 217 27.72 29.58 -16.09
N GLN A 218 26.74 28.91 -16.66
CA GLN A 218 25.34 29.20 -16.34
C GLN A 218 24.71 28.08 -15.48
N GLY A 219 25.55 27.24 -14.87
CA GLY A 219 25.03 26.17 -14.03
C GLY A 219 25.14 24.77 -14.62
N GLY A 220 25.52 24.67 -15.89
CA GLY A 220 25.67 23.37 -16.51
C GLY A 220 24.39 22.80 -17.10
N LYS A 221 24.45 21.56 -17.57
CA LYS A 221 23.29 20.91 -18.18
C LYS A 221 22.34 20.35 -17.15
N TYR A 222 21.10 20.08 -17.58
CA TYR A 222 20.09 19.52 -16.70
C TYR A 222 20.11 17.99 -16.75
N VAL A 223 19.41 17.37 -15.81
CA VAL A 223 19.38 15.92 -15.68
C VAL A 223 18.95 15.10 -16.90
N MET A 224 18.12 15.67 -17.77
CA MET A 224 17.69 14.91 -18.94
C MET A 224 18.58 15.07 -20.18
N TYR A 225 19.79 15.59 -19.99
CA TYR A 225 20.70 15.69 -21.12
C TYR A 225 20.99 14.22 -21.50
N PRO A 226 21.12 13.93 -22.81
CA PRO A 226 21.40 12.55 -23.25
C PRO A 226 22.75 12.00 -22.80
N ILE A 227 23.73 12.89 -22.62
CA ILE A 227 25.05 12.46 -22.15
C ILE A 227 25.01 12.69 -20.66
N ALA A 228 25.33 11.65 -19.90
CA ALA A 228 25.29 11.71 -18.43
C ALA A 228 26.03 12.86 -17.79
N VAL A 229 25.30 13.72 -17.11
CA VAL A 229 25.90 14.86 -16.41
C VAL A 229 26.69 14.31 -15.23
N SER A 230 27.76 15.00 -14.86
CA SER A 230 28.60 14.57 -13.75
C SER A 230 27.96 14.70 -12.36
N GLY A 231 27.14 15.73 -12.18
CA GLY A 231 26.52 15.95 -10.89
C GLY A 231 27.29 17.02 -10.11
N ASP A 232 28.36 17.53 -10.72
CA ASP A 232 29.18 18.57 -10.10
C ASP A 232 28.59 19.97 -10.23
N HIS A 233 27.73 20.16 -11.22
CA HIS A 233 27.14 21.47 -11.48
C HIS A 233 25.76 21.65 -10.93
N GLU A 234 25.44 22.90 -10.62
CA GLU A 234 24.16 23.29 -10.05
C GLU A 234 22.91 22.73 -10.75
N ASN A 235 22.85 22.89 -12.07
CA ASN A 235 21.69 22.40 -12.82
C ASN A 235 21.63 20.88 -13.07
N ASN A 236 22.74 20.19 -12.84
CA ASN A 236 22.81 18.74 -13.10
C ASN A 236 21.74 17.88 -12.46
N LYS A 237 21.37 18.17 -11.21
CA LYS A 237 20.37 17.38 -10.53
C LYS A 237 18.97 17.87 -10.74
N MET A 238 18.82 18.96 -11.49
CA MET A 238 17.51 19.56 -11.75
C MET A 238 16.94 19.29 -13.14
N PHE A 239 15.65 19.59 -13.29
CA PHE A 239 14.97 19.41 -14.56
C PHE A 239 14.91 20.72 -15.34
N SER A 240 15.18 20.64 -16.63
CA SER A 240 15.16 21.82 -17.51
C SER A 240 13.73 22.24 -17.79
N GLN A 241 13.59 23.41 -18.43
CA GLN A 241 12.27 23.92 -18.80
C GLN A 241 11.61 22.95 -19.80
N CYS A 242 12.43 22.37 -20.68
CA CYS A 242 11.95 21.42 -21.69
C CYS A 242 11.36 20.18 -20.99
N SER A 243 12.02 19.69 -19.94
CA SER A 243 11.52 18.53 -19.21
C SER A 243 10.26 18.91 -18.42
N LYS A 244 10.26 20.09 -17.81
CA LYS A 244 9.11 20.53 -17.04
C LYS A 244 7.84 20.58 -17.85
N GLN A 245 7.92 21.20 -19.03
CA GLN A 245 6.77 21.31 -19.91
C GLN A 245 6.20 19.90 -20.24
N SER A 246 7.07 18.98 -20.63
CA SER A 246 6.66 17.61 -20.98
C SER A 246 6.07 16.85 -19.81
N ILE A 247 6.75 16.90 -18.67
CA ILE A 247 6.31 16.19 -17.47
C ILE A 247 5.05 16.81 -16.88
N TYR A 248 4.99 18.13 -16.86
CA TYR A 248 3.80 18.82 -16.34
C TYR A 248 2.56 18.29 -17.05
N LYS A 249 2.58 18.29 -18.38
CA LYS A 249 1.44 17.80 -19.16
C LYS A 249 1.13 16.35 -18.84
N THR A 250 2.16 15.52 -18.68
CA THR A 250 1.95 14.12 -18.37
C THR A 250 1.32 13.93 -16.99
N ILE A 251 1.87 14.58 -15.97
CA ILE A 251 1.34 14.46 -14.62
C ILE A 251 -0.10 14.93 -14.48
N GLU A 252 -0.41 16.11 -15.01
CA GLU A 252 -1.78 16.63 -14.89
C GLU A 252 -2.80 15.71 -15.56
N SER A 253 -2.35 14.94 -16.55
CA SER A 253 -3.22 14.01 -17.26
C SER A 253 -3.30 12.62 -16.61
N LYS A 254 -2.18 12.15 -16.06
CA LYS A 254 -2.14 10.82 -15.46
C LYS A 254 -2.20 10.74 -13.91
N ALA A 255 -1.98 11.85 -13.23
CA ALA A 255 -2.01 11.86 -11.77
C ALA A 255 -3.30 11.26 -11.21
N GLN A 256 -4.44 11.72 -11.71
CA GLN A 256 -5.72 11.20 -11.24
C GLN A 256 -5.87 9.72 -11.60
N GLU A 257 -5.18 9.31 -12.67
CA GLU A 257 -5.21 7.94 -13.16
C GLU A 257 -4.58 6.92 -12.19
N CYS A 258 -3.30 7.07 -11.86
CA CYS A 258 -2.66 6.11 -10.98
C CYS A 258 -1.82 6.63 -9.80
N PHE A 259 -1.75 7.95 -9.61
CA PHE A 259 -0.99 8.50 -8.49
C PHE A 259 -1.80 8.35 -7.22
N GLN A 260 -1.11 8.26 -6.09
CA GLN A 260 -1.76 8.10 -4.80
C GLN A 260 -1.22 9.10 -3.80
N GLU A 261 -1.78 9.13 -2.60
CA GLU A 261 -1.32 10.07 -1.59
C GLU A 261 -0.01 9.61 -0.98
N ARG A 262 0.83 10.55 -0.56
CA ARG A 262 2.10 10.21 0.07
C ARG A 262 1.83 9.53 1.37
N SER A 263 2.69 8.56 1.70
CA SER A 263 2.54 7.83 2.96
C SER A 263 3.56 8.31 3.95
N MET B 10 -18.98 24.86 8.10
CA MET B 10 -19.27 24.80 6.64
C MET B 10 -18.22 25.60 5.90
N LYS B 11 -18.02 25.29 4.62
CA LYS B 11 -17.03 25.98 3.78
C LYS B 11 -17.48 27.43 3.51
N ASN B 12 -17.24 28.30 4.47
CA ASN B 12 -17.67 29.69 4.38
C ASN B 12 -16.55 30.70 4.66
N THR B 13 -15.31 30.26 4.55
CA THR B 13 -14.17 31.14 4.82
C THR B 13 -13.16 31.15 3.72
N CYS B 14 -12.80 32.34 3.28
CA CYS B 14 -11.80 32.52 2.23
C CYS B 14 -10.47 32.69 2.95
N LYS B 15 -9.57 31.73 2.74
CA LYS B 15 -8.25 31.77 3.37
C LYS B 15 -7.36 32.66 2.60
N LEU B 16 -6.66 33.54 3.32
CA LEU B 16 -5.82 34.54 2.67
C LEU B 16 -4.34 34.20 2.81
N LEU B 17 -3.57 34.50 1.77
CA LEU B 17 -2.17 34.86 1.94
C LEU B 17 -2.01 36.37 2.10
N VAL B 18 -1.41 36.77 3.22
CA VAL B 18 -1.13 38.17 3.46
C VAL B 18 0.37 38.45 3.35
N VAL B 19 0.73 39.42 2.52
CA VAL B 19 2.13 39.79 2.32
C VAL B 19 2.37 41.26 2.61
N ALA B 20 3.41 41.54 3.39
CA ALA B 20 3.79 42.91 3.70
C ALA B 20 5.18 43.10 3.08
N ASP B 21 5.32 44.05 2.17
CA ASP B 21 6.61 44.29 1.53
C ASP B 21 7.53 45.06 2.48
N HIS B 22 8.77 45.32 2.06
CA HIS B 22 9.71 46.01 2.92
C HIS B 22 9.28 47.43 3.30
N ARG B 23 8.50 48.07 2.44
CA ARG B 23 8.02 49.42 2.71
C ARG B 23 7.06 49.41 3.87
N PHE B 24 6.10 48.49 3.81
CA PHE B 24 5.11 48.37 4.87
C PHE B 24 5.83 48.01 6.18
N TYR B 25 6.73 47.04 6.10
CA TYR B 25 7.50 46.59 7.26
C TYR B 25 8.21 47.74 7.96
N ARG B 26 8.88 48.59 7.19
CA ARG B 26 9.61 49.72 7.74
C ARG B 26 8.77 50.88 8.25
N TYR B 27 7.82 51.33 7.46
CA TYR B 27 6.98 52.48 7.85
C TYR B 27 5.75 52.20 8.69
N MET B 28 5.11 51.07 8.48
CA MET B 28 3.92 50.75 9.26
C MET B 28 4.25 49.85 10.43
N GLY B 29 5.24 48.98 10.25
CA GLY B 29 5.60 48.06 11.31
C GLY B 29 6.80 48.45 12.16
N ARG B 30 7.33 49.65 11.94
CA ARG B 30 8.49 50.13 12.71
C ARG B 30 9.71 49.18 12.57
N GLY B 31 9.81 48.48 11.45
CA GLY B 31 10.91 47.55 11.24
C GLY B 31 10.90 46.39 12.21
N GLU B 32 9.72 46.08 12.76
CA GLU B 32 9.57 44.99 13.71
C GLU B 32 8.61 43.96 13.18
N GLU B 33 9.06 42.71 13.14
CA GLU B 33 8.23 41.62 12.64
C GLU B 33 6.93 41.45 13.47
N SER B 34 7.04 41.58 14.79
CA SER B 34 5.89 41.43 15.66
C SER B 34 4.84 42.55 15.46
N THR B 35 5.31 43.79 15.36
CA THR B 35 4.42 44.93 15.16
C THR B 35 3.74 44.87 13.80
N THR B 36 4.49 44.49 12.77
CA THR B 36 3.96 44.39 11.42
C THR B 36 2.90 43.29 11.35
N THR B 37 3.23 42.13 11.90
CA THR B 37 2.32 40.99 11.91
C THR B 37 1.03 41.30 12.70
N ASN B 38 1.18 41.84 13.90
CA ASN B 38 0.03 42.16 14.73
C ASN B 38 -0.90 43.14 14.08
N TYR B 39 -0.35 44.12 13.39
CA TYR B 39 -1.16 45.12 12.71
C TYR B 39 -2.04 44.46 11.63
N LEU B 40 -1.44 43.58 10.84
CA LEU B 40 -2.18 42.91 9.76
C LEU B 40 -3.21 41.92 10.28
N ILE B 41 -2.84 41.15 11.30
CA ILE B 41 -3.77 40.19 11.89
C ILE B 41 -4.98 40.98 12.39
N GLU B 42 -4.74 42.08 13.11
CA GLU B 42 -5.83 42.89 13.63
C GLU B 42 -6.68 43.54 12.52
N LEU B 43 -6.03 44.04 11.47
CA LEU B 43 -6.76 44.67 10.39
C LEU B 43 -7.67 43.65 9.66
N ILE B 44 -7.11 42.49 9.32
CA ILE B 44 -7.88 41.45 8.66
C ILE B 44 -9.04 41.03 9.55
N ASP B 45 -8.79 40.91 10.84
CA ASP B 45 -9.83 40.53 11.79
C ASP B 45 -10.98 41.57 11.76
N ARG B 46 -10.64 42.85 11.74
CA ARG B 46 -11.67 43.89 11.71
C ARG B 46 -12.45 43.88 10.39
N VAL B 47 -11.75 43.57 9.30
CA VAL B 47 -12.39 43.49 7.99
C VAL B 47 -13.32 42.27 7.97
N ASP B 48 -12.88 41.19 8.61
CA ASP B 48 -13.66 39.96 8.72
C ASP B 48 -14.98 40.25 9.44
N ASP B 49 -14.94 41.09 10.47
CA ASP B 49 -16.15 41.43 11.19
C ASP B 49 -17.20 42.02 10.24
N ILE B 50 -16.75 42.84 9.28
CA ILE B 50 -17.68 43.44 8.32
C ILE B 50 -18.26 42.34 7.41
N TYR B 51 -17.39 41.51 6.81
CA TYR B 51 -17.86 40.45 5.93
C TYR B 51 -18.72 39.40 6.60
N ARG B 52 -18.22 38.86 7.71
CA ARG B 52 -18.93 37.81 8.44
C ARG B 52 -20.33 38.22 8.92
N ASN B 53 -20.49 39.49 9.28
CA ASN B 53 -21.80 39.97 9.72
C ASN B 53 -22.70 40.44 8.59
N THR B 54 -22.20 40.38 7.36
CA THR B 54 -22.99 40.80 6.21
C THR B 54 -23.91 39.65 5.75
N ALA B 55 -25.19 39.96 5.52
CA ALA B 55 -26.15 38.98 5.03
C ALA B 55 -26.28 39.27 3.55
N TRP B 56 -25.55 38.51 2.73
CA TRP B 56 -25.53 38.71 1.29
C TRP B 56 -26.89 38.64 0.58
N ASP B 57 -27.81 37.87 1.14
CA ASP B 57 -29.15 37.75 0.56
C ASP B 57 -30.16 38.40 1.51
N ASN B 58 -29.67 39.23 2.42
CA ASN B 58 -30.51 39.90 3.40
C ASN B 58 -31.27 38.90 4.27
N ALA B 59 -30.73 37.69 4.37
CA ALA B 59 -31.36 36.64 5.15
C ALA B 59 -30.30 35.75 5.79
N GLY B 60 -30.37 34.45 5.53
CA GLY B 60 -29.43 33.51 6.12
C GLY B 60 -28.11 33.25 5.41
N PHE B 61 -27.85 33.90 4.30
CA PHE B 61 -26.58 33.68 3.62
C PHE B 61 -25.58 34.61 4.26
N LYS B 62 -25.15 34.26 5.47
CA LYS B 62 -24.21 35.07 6.23
C LYS B 62 -23.22 34.19 6.95
N GLY B 63 -22.20 34.83 7.52
CA GLY B 63 -21.17 34.08 8.21
C GLY B 63 -19.98 33.82 7.31
N TYR B 64 -19.99 34.41 6.11
CA TYR B 64 -18.89 34.24 5.17
C TYR B 64 -17.88 35.29 5.47
N GLY B 65 -16.63 34.88 5.66
CA GLY B 65 -15.60 35.85 5.97
C GLY B 65 -14.23 35.49 5.46
N ILE B 66 -13.22 36.05 6.12
CA ILE B 66 -11.85 35.83 5.72
C ILE B 66 -10.98 35.57 6.92
N GLN B 67 -9.94 34.78 6.70
CA GLN B 67 -8.97 34.45 7.75
C GLN B 67 -7.65 34.28 7.13
N ILE B 68 -6.61 34.65 7.85
CA ILE B 68 -5.25 34.52 7.36
C ILE B 68 -4.79 33.06 7.43
N GLU B 69 -4.30 32.57 6.30
CA GLU B 69 -3.79 31.21 6.20
C GLU B 69 -2.32 31.31 6.44
N GLN B 70 -1.70 32.33 5.87
CA GLN B 70 -0.28 32.55 6.03
C GLN B 70 0.08 33.99 5.78
N ILE B 71 1.10 34.47 6.49
CA ILE B 71 1.54 35.85 6.37
C ILE B 71 3.05 35.94 6.21
N ARG B 72 3.49 36.63 5.17
CA ARG B 72 4.91 36.80 4.91
C ARG B 72 5.34 38.25 5.07
N ILE B 73 6.30 38.50 5.95
CA ILE B 73 6.87 39.83 6.11
C ILE B 73 8.22 39.93 5.41
N LEU B 74 8.28 40.77 4.38
CA LEU B 74 9.53 41.00 3.66
C LEU B 74 10.24 42.12 4.35
N LYS B 75 11.29 41.79 5.10
CA LYS B 75 12.05 42.76 5.87
C LYS B 75 12.97 43.68 5.07
N SER B 76 13.47 43.19 3.94
CA SER B 76 14.36 44.00 3.13
C SER B 76 13.94 43.95 1.70
N PRO B 77 14.37 44.92 0.90
CA PRO B 77 13.99 44.92 -0.51
C PRO B 77 14.61 43.75 -1.26
N GLN B 78 13.98 43.38 -2.37
CA GLN B 78 14.44 42.27 -3.21
C GLN B 78 15.49 42.74 -4.18
N GLU B 79 16.68 42.14 -4.11
CA GLU B 79 17.75 42.50 -5.02
C GLU B 79 17.36 42.00 -6.41
N VAL B 80 17.52 42.85 -7.41
CA VAL B 80 17.18 42.48 -8.78
C VAL B 80 18.33 42.74 -9.73
N LYS B 81 18.43 41.90 -10.76
CA LYS B 81 19.49 42.06 -11.75
C LYS B 81 19.05 43.12 -12.75
N PRO B 82 20.01 43.75 -13.45
CA PRO B 82 19.65 44.78 -14.42
C PRO B 82 18.59 44.27 -15.38
N GLY B 83 17.55 45.07 -15.60
CA GLY B 83 16.49 44.67 -16.50
C GLY B 83 15.37 43.85 -15.87
N GLU B 84 15.66 43.21 -14.75
CA GLU B 84 14.65 42.38 -14.07
C GLU B 84 13.90 43.16 -13.00
N LYS B 85 12.66 42.76 -12.74
CA LYS B 85 11.85 43.43 -11.73
C LYS B 85 11.19 42.48 -10.79
N HIS B 86 10.81 43.00 -9.63
CA HIS B 86 10.16 42.22 -8.58
C HIS B 86 9.31 43.19 -7.77
N TYR B 87 8.11 42.77 -7.37
CA TYR B 87 7.20 43.64 -6.63
C TYR B 87 7.78 44.19 -5.33
N ASN B 88 8.77 43.50 -4.78
CA ASN B 88 9.41 43.93 -3.53
C ASN B 88 10.80 44.61 -3.77
N MET B 89 11.10 44.96 -5.01
CA MET B 89 12.37 45.62 -5.32
C MET B 89 12.35 46.98 -4.62
N ALA B 90 13.52 47.59 -4.43
CA ALA B 90 13.61 48.87 -3.74
C ALA B 90 13.04 50.06 -4.52
N LYS B 91 13.33 50.12 -5.82
CA LYS B 91 12.87 51.22 -6.65
C LYS B 91 11.49 51.06 -7.19
N SER B 92 10.83 52.18 -7.47
CA SER B 92 9.50 52.16 -8.05
C SER B 92 9.63 51.84 -9.50
N TYR B 93 8.61 51.20 -10.06
CA TYR B 93 8.59 50.83 -11.47
C TYR B 93 7.27 51.33 -12.10
N PRO B 94 7.31 51.83 -13.35
CA PRO B 94 8.50 51.96 -14.21
C PRO B 94 9.34 53.25 -13.99
N ASN B 95 8.77 54.24 -13.33
CA ASN B 95 9.46 55.51 -13.08
C ASN B 95 10.04 55.50 -11.67
N GLU B 96 11.35 55.29 -11.57
CA GLU B 96 12.03 55.24 -10.27
C GLU B 96 12.07 56.58 -9.54
N GLU B 97 11.72 57.66 -10.23
CA GLU B 97 11.72 58.99 -9.63
C GLU B 97 10.45 59.21 -8.77
N LYS B 98 9.45 58.35 -8.97
CA LYS B 98 8.19 58.45 -8.23
C LYS B 98 8.24 57.72 -6.90
N ASP B 99 7.37 58.12 -5.98
CA ASP B 99 7.33 57.49 -4.68
C ASP B 99 6.78 56.06 -4.77
N ALA B 100 6.04 55.78 -5.84
CA ALA B 100 5.28 54.54 -5.96
C ALA B 100 5.44 53.94 -7.36
N TRP B 101 5.27 52.62 -7.45
CA TRP B 101 4.90 51.98 -8.71
C TRP B 101 3.74 52.71 -9.38
N ASP B 102 3.59 52.48 -10.68
CA ASP B 102 2.27 52.43 -11.30
C ASP B 102 1.44 51.29 -10.74
N VAL B 103 0.28 51.62 -10.18
CA VAL B 103 -0.53 50.66 -9.45
C VAL B 103 -0.94 49.38 -10.19
N LYS B 104 -1.38 49.50 -11.44
CA LYS B 104 -1.78 48.33 -12.20
C LYS B 104 -0.60 47.40 -12.41
N MET B 105 0.54 47.98 -12.76
CA MET B 105 1.74 47.19 -12.98
C MET B 105 2.21 46.50 -11.70
N LEU B 106 2.05 47.16 -10.55
CA LEU B 106 2.46 46.56 -9.30
C LEU B 106 1.60 45.33 -8.97
N LEU B 107 0.29 45.47 -9.16
CA LEU B 107 -0.63 44.36 -8.90
C LEU B 107 -0.28 43.17 -9.83
N GLU B 108 -0.02 43.46 -11.09
CA GLU B 108 0.33 42.42 -12.05
C GLU B 108 1.64 41.75 -11.64
N GLN B 109 2.63 42.55 -11.27
CA GLN B 109 3.92 42.03 -10.85
C GLN B 109 3.79 41.16 -9.61
N PHE B 110 2.99 41.61 -8.65
CA PHE B 110 2.77 40.84 -7.42
C PHE B 110 2.18 39.45 -7.76
N SER B 111 1.14 39.44 -8.59
CA SER B 111 0.50 38.20 -9.00
C SER B 111 1.51 37.25 -9.66
N PHE B 112 2.36 37.81 -10.51
CA PHE B 112 3.38 37.04 -11.21
C PHE B 112 4.37 36.39 -10.23
N ASP B 113 4.96 37.21 -9.35
CA ASP B 113 5.93 36.70 -8.39
C ASP B 113 5.39 35.82 -7.26
N ILE B 114 4.14 36.01 -6.88
CA ILE B 114 3.56 35.25 -5.78
C ILE B 114 2.75 34.01 -6.23
N ALA B 115 2.78 33.70 -7.52
CA ALA B 115 2.02 32.58 -8.08
C ALA B 115 2.10 31.24 -7.30
N GLU B 116 3.29 30.86 -6.87
CA GLU B 116 3.46 29.60 -6.13
C GLU B 116 2.58 29.55 -4.90
N GLU B 117 2.61 30.62 -4.12
CA GLU B 117 1.81 30.71 -2.90
C GLU B 117 0.34 30.98 -3.19
N ALA B 118 0.09 31.88 -4.14
CA ALA B 118 -1.28 32.24 -4.50
C ALA B 118 -2.10 31.05 -4.98
N SER B 119 -1.44 30.07 -5.59
CA SER B 119 -2.13 28.88 -6.09
C SER B 119 -2.79 28.01 -5.00
N LYS B 120 -2.35 28.17 -3.76
CA LYS B 120 -2.89 27.36 -2.66
C LYS B 120 -3.92 28.07 -1.76
N VAL B 121 -4.16 29.35 -1.99
CA VAL B 121 -5.12 30.09 -1.17
C VAL B 121 -6.26 30.70 -1.95
N CYS B 122 -7.33 31.03 -1.23
CA CYS B 122 -8.50 31.64 -1.84
C CYS B 122 -8.12 33.02 -2.44
N LEU B 123 -7.36 33.81 -1.68
CA LEU B 123 -6.92 35.12 -2.14
C LEU B 123 -5.54 35.49 -1.56
N ALA B 124 -4.80 36.31 -2.31
CA ALA B 124 -3.49 36.77 -1.87
C ALA B 124 -3.60 38.31 -1.85
N HIS B 125 -3.15 38.93 -0.76
CA HIS B 125 -3.24 40.38 -0.67
C HIS B 125 -1.94 41.00 -0.27
N LEU B 126 -1.55 42.05 -0.98
CA LEU B 126 -0.31 42.76 -0.73
C LEU B 126 -0.55 44.04 0.05
N PHE B 127 0.20 44.23 1.13
CA PHE B 127 0.11 45.45 1.91
C PHE B 127 1.41 46.18 1.71
N THR B 128 1.32 47.42 1.25
CA THR B 128 2.51 48.20 0.98
C THR B 128 2.40 49.60 1.54
N TYR B 129 3.44 50.39 1.34
CA TYR B 129 3.45 51.76 1.81
C TYR B 129 4.13 52.62 0.78
N GLN B 130 3.38 53.00 -0.25
CA GLN B 130 3.90 53.86 -1.32
C GLN B 130 2.77 54.73 -1.77
N ASP B 131 3.12 55.95 -2.17
CA ASP B 131 2.12 56.93 -2.59
C ASP B 131 1.76 56.87 -4.06
N PHE B 132 0.81 56.01 -4.42
CA PHE B 132 0.39 55.89 -5.82
C PHE B 132 -0.11 57.23 -6.35
N ASP B 133 0.22 57.54 -7.59
CA ASP B 133 -0.20 58.81 -8.17
C ASP B 133 -1.68 59.05 -8.16
N MET B 134 -2.06 60.32 -8.04
CA MET B 134 -3.45 60.72 -8.20
C MET B 134 -4.35 59.96 -7.23
N GLY B 135 -3.87 59.75 -6.02
CA GLY B 135 -4.73 59.57 -4.87
C GLY B 135 -5.24 58.16 -4.72
N THR B 136 -4.68 57.25 -5.52
CA THR B 136 -5.11 55.85 -5.51
C THR B 136 -4.65 55.15 -4.24
N LEU B 137 -5.56 54.42 -3.62
CA LEU B 137 -5.26 53.72 -2.37
C LEU B 137 -5.04 52.24 -2.51
N GLY B 138 -5.72 51.61 -3.47
CA GLY B 138 -5.58 50.18 -3.66
C GLY B 138 -6.12 49.73 -4.99
N LEU B 139 -6.01 48.42 -5.24
CA LEU B 139 -6.48 47.86 -6.51
C LEU B 139 -6.69 46.34 -6.35
N ALA B 140 -7.61 45.77 -7.13
CA ALA B 140 -7.87 44.34 -7.04
C ALA B 140 -8.62 43.82 -8.25
N TYR B 141 -8.45 42.52 -8.54
CA TYR B 141 -9.14 41.88 -9.66
C TYR B 141 -10.55 41.54 -9.21
N VAL B 142 -11.51 41.73 -10.09
CA VAL B 142 -12.91 41.46 -9.76
C VAL B 142 -13.28 40.00 -9.92
N GLY B 143 -13.93 39.44 -8.91
CA GLY B 143 -14.33 38.05 -8.94
C GLY B 143 -15.58 37.84 -9.78
N SER B 144 -15.96 36.58 -9.99
CA SER B 144 -17.14 36.27 -10.80
C SER B 144 -17.67 34.89 -10.50
N PRO B 145 -18.97 34.66 -10.76
CA PRO B 145 -19.55 33.34 -10.50
C PRO B 145 -19.11 32.32 -11.57
N ARG B 146 -18.65 32.81 -12.73
CA ARG B 146 -18.20 31.95 -13.82
C ARG B 146 -17.13 31.01 -13.35
N ALA B 147 -17.45 29.71 -13.37
CA ALA B 147 -16.53 28.68 -12.94
C ALA B 147 -15.17 28.73 -13.61
N ASN B 148 -15.12 29.23 -14.83
CA ASN B 148 -13.86 29.34 -15.56
C ASN B 148 -13.35 30.76 -15.70
N SER B 149 -13.41 31.53 -14.61
CA SER B 149 -12.92 32.90 -14.61
C SER B 149 -11.65 32.90 -13.82
N HIS B 150 -10.81 33.91 -14.02
CA HIS B 150 -9.54 33.97 -13.31
C HIS B 150 -9.51 34.90 -12.09
N GLY B 151 -9.93 36.15 -12.29
CA GLY B 151 -9.90 37.12 -11.20
C GLY B 151 -10.75 36.83 -9.98
N GLY B 152 -10.37 37.45 -8.86
CA GLY B 152 -11.11 37.29 -7.62
C GLY B 152 -10.92 35.98 -6.89
N VAL B 153 -11.84 35.70 -5.97
CA VAL B 153 -11.78 34.50 -5.15
C VAL B 153 -11.55 33.24 -5.91
N CYS B 154 -10.76 32.36 -5.30
CA CYS B 154 -10.40 31.06 -5.85
C CYS B 154 -9.38 31.13 -6.98
N PRO B 155 -8.23 30.45 -6.79
CA PRO B 155 -7.14 30.41 -7.76
C PRO B 155 -7.48 29.61 -9.01
N LYS B 156 -7.53 30.28 -10.15
CA LYS B 156 -7.80 29.64 -11.43
C LYS B 156 -6.64 29.98 -12.36
N ALA B 157 -5.73 29.03 -12.53
CA ALA B 157 -4.54 29.21 -13.34
C ALA B 157 -4.70 29.92 -14.67
N TYR B 158 -3.73 30.77 -14.95
CA TYR B 158 -3.68 31.53 -16.19
C TYR B 158 -2.25 31.43 -16.70
N TYR B 159 -2.05 30.67 -17.78
CA TYR B 159 -0.70 30.51 -18.32
C TYR B 159 -0.10 31.83 -18.83
N SER B 160 1.15 32.07 -18.46
CA SER B 160 1.85 33.27 -18.87
C SER B 160 3.08 32.93 -19.69
N PRO B 161 3.07 33.27 -20.99
CA PRO B 161 4.19 33.00 -21.90
C PRO B 161 5.50 33.42 -21.28
N VAL B 162 5.57 34.67 -20.83
CA VAL B 162 6.76 35.20 -20.19
C VAL B 162 6.87 34.51 -18.87
N GLY B 163 8.03 33.92 -18.59
CA GLY B 163 8.21 33.20 -17.35
C GLY B 163 7.73 31.77 -17.46
N LYS B 164 6.96 31.47 -18.50
CA LYS B 164 6.43 30.14 -18.75
C LYS B 164 5.95 29.53 -17.47
N LYS B 165 4.97 30.18 -16.86
CA LYS B 165 4.42 29.70 -15.59
C LYS B 165 2.96 30.01 -15.49
N ASN B 166 2.31 29.38 -14.51
CA ASN B 166 0.90 29.65 -14.28
C ASN B 166 0.86 30.76 -13.28
N ILE B 167 -0.04 31.72 -13.48
CA ILE B 167 -0.20 32.83 -12.56
C ILE B 167 -1.61 32.85 -12.16
N TYR B 168 -1.91 33.51 -11.05
CA TYR B 168 -3.28 33.57 -10.55
C TYR B 168 -3.69 34.99 -10.28
N LEU B 169 -4.92 35.32 -10.66
CA LEU B 169 -5.43 36.67 -10.46
C LEU B 169 -6.34 36.81 -9.24
N ASN B 170 -6.12 35.98 -8.23
CA ASN B 170 -6.91 36.02 -6.99
C ASN B 170 -6.17 36.95 -6.06
N SER B 171 -5.88 38.15 -6.54
CA SER B 171 -5.10 39.11 -5.77
C SER B 171 -5.59 40.54 -5.74
N GLY B 172 -4.99 41.29 -4.83
CA GLY B 172 -5.32 42.69 -4.66
C GLY B 172 -4.26 43.32 -3.78
N LEU B 173 -4.29 44.63 -3.63
CA LEU B 173 -3.30 45.30 -2.79
C LEU B 173 -3.88 46.53 -2.13
N THR B 174 -3.26 46.88 -1.00
CA THR B 174 -3.65 48.02 -0.18
C THR B 174 -2.41 48.80 0.18
N SER B 175 -2.46 50.12 0.05
CA SER B 175 -1.33 50.94 0.48
C SER B 175 -1.85 51.82 1.60
N THR B 176 -1.07 51.97 2.67
CA THR B 176 -1.51 52.81 3.77
C THR B 176 -0.86 54.17 3.75
N LYS B 177 -0.35 54.56 2.59
CA LYS B 177 0.25 55.88 2.41
C LYS B 177 -0.47 56.56 1.27
N ASN B 178 -0.90 57.79 1.50
CA ASN B 178 -1.58 58.55 0.45
C ASN B 178 -1.41 60.04 0.76
N TYR B 179 -1.00 60.78 -0.27
CA TYR B 179 -0.78 62.22 -0.12
C TYR B 179 0.27 62.56 0.94
N GLY B 180 1.38 61.84 0.89
CA GLY B 180 2.47 62.09 1.82
C GLY B 180 2.32 61.80 3.29
N LYS B 181 1.34 61.00 3.67
CA LYS B 181 1.15 60.67 5.08
C LYS B 181 0.49 59.34 5.23
N THR B 182 0.61 58.77 6.43
CA THR B 182 0.00 57.48 6.73
C THR B 182 -1.52 57.69 6.87
N ILE B 183 -2.32 56.89 6.19
CA ILE B 183 -3.77 57.05 6.28
C ILE B 183 -4.22 56.57 7.66
N LEU B 184 -5.45 56.93 8.05
CA LEU B 184 -5.98 56.54 9.35
C LEU B 184 -6.26 55.04 9.41
N THR B 185 -6.22 54.49 10.62
CA THR B 185 -6.49 53.07 10.81
C THR B 185 -7.88 52.70 10.20
N LYS B 186 -8.90 53.50 10.50
CA LYS B 186 -10.23 53.23 9.98
C LYS B 186 -10.29 53.35 8.46
N GLU B 187 -9.40 54.16 7.88
CA GLU B 187 -9.35 54.30 6.44
C GLU B 187 -8.68 53.08 5.82
N ALA B 188 -7.63 52.58 6.48
CA ALA B 188 -6.93 51.40 6.00
C ALA B 188 -7.93 50.22 5.93
N ASP B 189 -8.73 50.06 6.99
CA ASP B 189 -9.72 49.00 7.04
C ASP B 189 -10.65 49.04 5.82
N LEU B 190 -11.08 50.26 5.46
CA LEU B 190 -11.97 50.48 4.32
C LEU B 190 -11.31 50.18 2.95
N VAL B 191 -10.04 50.52 2.80
CA VAL B 191 -9.34 50.24 1.55
C VAL B 191 -9.33 48.71 1.32
N THR B 192 -8.87 47.97 2.32
CA THR B 192 -8.79 46.53 2.24
C THR B 192 -10.21 45.90 2.06
N THR B 193 -11.20 46.41 2.79
CA THR B 193 -12.57 45.91 2.66
C THR B 193 -13.04 46.08 1.19
N HIS B 194 -12.74 47.26 0.64
CA HIS B 194 -13.10 47.61 -0.72
C HIS B 194 -12.41 46.71 -1.76
N GLU B 195 -11.09 46.52 -1.62
CA GLU B 195 -10.36 45.70 -2.59
C GLU B 195 -10.82 44.24 -2.50
N LEU B 196 -10.93 43.71 -1.29
CA LEU B 196 -11.40 42.34 -1.10
C LEU B 196 -12.84 42.25 -1.65
N GLY B 197 -13.56 43.37 -1.61
CA GLY B 197 -14.91 43.43 -2.12
C GLY B 197 -14.93 43.12 -3.61
N HIS B 198 -13.98 43.69 -4.33
CA HIS B 198 -13.86 43.42 -5.76
C HIS B 198 -13.58 41.95 -5.95
N ASN B 199 -12.60 41.43 -5.18
CA ASN B 199 -12.23 40.02 -5.26
C ASN B 199 -13.46 39.12 -5.06
N PHE B 200 -14.33 39.49 -4.13
CA PHE B 200 -15.54 38.71 -3.84
C PHE B 200 -16.63 38.85 -4.94
N GLY B 201 -16.40 39.74 -5.91
CA GLY B 201 -17.34 39.92 -7.01
C GLY B 201 -17.99 41.28 -7.20
N ALA B 202 -17.72 42.20 -6.26
CA ALA B 202 -18.35 43.51 -6.28
C ALA B 202 -17.70 44.42 -7.33
N GLU B 203 -18.53 45.13 -8.09
CA GLU B 203 -18.07 46.33 -8.78
C GLU B 203 -18.31 47.58 -7.95
N HIS B 204 -18.04 48.74 -8.54
CA HIS B 204 -18.25 50.02 -7.87
C HIS B 204 -19.73 50.36 -7.83
N ASP B 205 -20.15 51.03 -6.75
CA ASP B 205 -21.53 51.45 -6.60
C ASP B 205 -21.83 52.60 -7.52
N PRO B 206 -22.98 52.57 -8.18
CA PRO B 206 -23.36 53.64 -9.09
C PRO B 206 -24.28 54.61 -8.37
N ASP B 207 -24.41 55.82 -8.90
CA ASP B 207 -25.30 56.80 -8.28
C ASP B 207 -26.66 56.59 -8.94
N GLY B 208 -27.74 56.98 -8.26
CA GLY B 208 -29.05 56.83 -8.86
C GLY B 208 -30.14 56.14 -8.08
N LEU B 209 -31.24 55.86 -8.80
CA LEU B 209 -32.44 55.22 -8.25
C LEU B 209 -32.24 53.88 -7.52
N ALA B 210 -31.14 53.18 -7.81
CA ALA B 210 -30.88 51.90 -7.16
C ALA B 210 -30.62 52.06 -5.63
N GLU B 211 -30.34 53.28 -5.20
CA GLU B 211 -30.08 53.58 -3.79
C GLU B 211 -28.84 52.88 -3.23
N CYS B 212 -27.84 52.70 -4.10
CA CYS B 212 -26.60 52.08 -3.70
C CYS B 212 -25.58 53.17 -3.36
N ALA B 213 -26.03 54.41 -3.35
CA ALA B 213 -25.17 55.55 -3.03
C ALA B 213 -26.04 56.64 -2.34
N PRO B 214 -26.52 56.36 -1.12
CA PRO B 214 -27.36 57.30 -0.35
C PRO B 214 -26.67 58.61 0.02
N ASN B 215 -27.47 59.64 0.30
CA ASN B 215 -26.94 60.94 0.69
C ASN B 215 -26.47 60.88 2.12
N GLU B 216 -25.82 61.94 2.59
CA GLU B 216 -25.32 61.99 3.95
C GLU B 216 -26.41 62.03 5.04
N ASP B 217 -27.67 62.03 4.63
CA ASP B 217 -28.79 62.05 5.58
C ASP B 217 -29.31 60.63 5.76
N GLN B 218 -29.16 59.81 4.72
CA GLN B 218 -29.62 58.43 4.74
C GLN B 218 -28.50 57.44 5.15
N GLY B 219 -27.39 57.96 5.68
CA GLY B 219 -26.30 57.10 6.10
C GLY B 219 -25.02 57.19 5.28
N GLY B 220 -25.05 57.93 4.17
CA GLY B 220 -23.85 58.06 3.35
C GLY B 220 -23.66 56.92 2.36
N LYS B 221 -22.51 56.93 1.69
CA LYS B 221 -22.22 55.91 0.70
C LYS B 221 -21.71 54.62 1.30
N TYR B 222 -21.75 53.55 0.52
CA TYR B 222 -21.28 52.25 0.97
C TYR B 222 -19.84 52.04 0.58
N VAL B 223 -19.20 51.05 1.20
CA VAL B 223 -17.80 50.78 0.97
C VAL B 223 -17.33 50.65 -0.48
N MET B 224 -18.18 50.15 -1.37
CA MET B 224 -17.76 50.01 -2.76
C MET B 224 -17.89 51.26 -3.64
N TYR B 225 -18.11 52.41 -3.04
CA TYR B 225 -18.21 53.63 -3.83
C TYR B 225 -16.80 53.85 -4.43
N PRO B 226 -16.71 54.28 -5.69
CA PRO B 226 -15.43 54.51 -6.36
C PRO B 226 -14.54 55.56 -5.71
N ILE B 227 -15.14 56.55 -5.06
CA ILE B 227 -14.38 57.59 -4.37
C ILE B 227 -14.37 57.14 -2.93
N ALA B 228 -13.18 56.96 -2.37
CA ALA B 228 -13.02 56.50 -1.00
C ALA B 228 -13.88 57.18 0.02
N VAL B 229 -14.72 56.40 0.70
CA VAL B 229 -15.58 56.95 1.74
C VAL B 229 -14.70 57.27 2.95
N SER B 230 -15.10 58.27 3.73
CA SER B 230 -14.33 58.68 4.90
C SER B 230 -14.34 57.66 6.05
N GLY B 231 -15.46 56.98 6.23
CA GLY B 231 -15.58 56.03 7.32
C GLY B 231 -16.36 56.69 8.46
N ASP B 232 -16.71 57.96 8.28
CA ASP B 232 -17.44 58.72 9.28
C ASP B 232 -18.95 58.43 9.33
N HIS B 233 -19.48 57.90 8.23
CA HIS B 233 -20.91 57.64 8.15
C HIS B 233 -21.29 56.19 8.28
N GLU B 234 -22.49 55.95 8.81
CA GLU B 234 -23.00 54.60 9.03
C GLU B 234 -22.87 53.60 7.92
N ASN B 235 -23.18 53.99 6.68
CA ASN B 235 -23.09 53.04 5.56
C ASN B 235 -21.67 52.81 5.02
N ASN B 236 -20.73 53.67 5.40
CA ASN B 236 -19.36 53.58 4.89
C ASN B 236 -18.71 52.24 5.07
N LYS B 237 -18.93 51.61 6.23
CA LYS B 237 -18.35 50.30 6.52
C LYS B 237 -19.32 49.14 6.25
N MET B 238 -20.15 49.29 5.23
CA MET B 238 -21.12 48.27 4.86
C MET B 238 -21.20 48.13 3.35
N PHE B 239 -21.78 47.02 2.89
CA PHE B 239 -21.93 46.77 1.46
C PHE B 239 -23.33 47.13 1.01
N SER B 240 -23.42 47.76 -0.15
CA SER B 240 -24.71 48.17 -0.71
C SER B 240 -25.43 46.96 -1.27
N GLN B 241 -26.71 47.14 -1.63
CA GLN B 241 -27.47 46.04 -2.21
C GLN B 241 -26.86 45.66 -3.52
N CYS B 242 -26.34 46.63 -4.26
CA CYS B 242 -25.70 46.38 -5.54
C CYS B 242 -24.52 45.44 -5.33
N SER B 243 -23.70 45.73 -4.31
CA SER B 243 -22.56 44.89 -4.01
C SER B 243 -23.02 43.51 -3.51
N LYS B 244 -24.04 43.49 -2.66
CA LYS B 244 -24.55 42.23 -2.13
C LYS B 244 -25.01 41.28 -3.23
N GLN B 245 -25.70 41.80 -4.23
CA GLN B 245 -26.17 40.94 -5.32
C GLN B 245 -25.01 40.37 -6.16
N SER B 246 -23.97 41.19 -6.39
CA SER B 246 -22.81 40.76 -7.17
C SER B 246 -21.96 39.73 -6.40
N ILE B 247 -21.72 40.00 -5.12
CA ILE B 247 -20.92 39.10 -4.30
C ILE B 247 -21.72 37.80 -4.01
N TYR B 248 -23.01 37.92 -3.76
CA TYR B 248 -23.84 36.75 -3.51
C TYR B 248 -23.67 35.73 -4.65
N LYS B 249 -23.88 36.19 -5.88
CA LYS B 249 -23.75 35.31 -7.05
C LYS B 249 -22.37 34.68 -7.13
N THR B 250 -21.32 35.45 -6.81
CA THR B 250 -19.97 34.93 -6.86
C THR B 250 -19.71 33.89 -5.73
N ILE B 251 -20.06 34.24 -4.48
CA ILE B 251 -19.86 33.32 -3.37
C ILE B 251 -20.64 32.01 -3.54
N GLU B 252 -21.91 32.11 -3.93
CA GLU B 252 -22.74 30.91 -4.10
C GLU B 252 -22.13 29.94 -5.11
N SER B 253 -21.33 30.46 -6.03
CA SER B 253 -20.68 29.64 -7.04
C SER B 253 -19.25 29.19 -6.66
N LYS B 254 -18.47 30.11 -6.12
CA LYS B 254 -17.08 29.83 -5.76
C LYS B 254 -16.78 29.30 -4.33
N ALA B 255 -17.71 29.47 -3.41
CA ALA B 255 -17.49 29.01 -2.03
C ALA B 255 -17.17 27.50 -1.97
N GLN B 256 -17.91 26.72 -2.75
CA GLN B 256 -17.67 25.28 -2.81
C GLN B 256 -16.30 24.96 -3.41
N GLU B 257 -15.73 25.94 -4.10
CA GLU B 257 -14.50 25.72 -4.86
C GLU B 257 -13.28 25.70 -3.95
N CYS B 258 -13.19 26.70 -3.08
CA CYS B 258 -11.90 27.10 -2.51
C CYS B 258 -12.08 27.70 -1.12
N PHE B 259 -13.34 27.88 -0.71
CA PHE B 259 -13.64 28.27 0.66
C PHE B 259 -13.48 27.09 1.61
N GLN B 260 -13.15 27.40 2.87
CA GLN B 260 -12.92 26.37 3.88
C GLN B 260 -13.67 26.70 5.16
N GLU B 261 -13.64 25.81 6.15
CA GLU B 261 -14.34 26.11 7.38
C GLU B 261 -13.51 27.05 8.22
N ARG B 262 -14.18 27.88 9.00
CA ARG B 262 -13.50 28.85 9.86
C ARG B 262 -12.75 28.16 10.98
N SER B 263 -11.55 28.65 11.27
CA SER B 263 -10.74 28.08 12.35
C SER B 263 -11.09 28.75 13.67
N MET C 10 2.76 6.65 35.56
CA MET C 10 2.50 7.81 34.65
C MET C 10 1.62 7.37 33.47
N LYS C 11 2.17 7.39 32.26
CA LYS C 11 1.41 7.02 31.06
C LYS C 11 1.44 5.51 30.79
N ASN C 12 0.58 4.78 31.47
CA ASN C 12 0.50 3.33 31.33
C ASN C 12 -0.90 2.77 31.12
N THR C 13 -1.84 3.62 30.73
CA THR C 13 -3.22 3.17 30.53
C THR C 13 -3.79 3.52 29.17
N CYS C 14 -4.20 2.50 28.43
CA CYS C 14 -4.81 2.67 27.12
C CYS C 14 -6.27 2.96 27.33
N LYS C 15 -6.69 4.19 27.03
CA LYS C 15 -8.08 4.59 27.19
C LYS C 15 -8.95 4.00 26.10
N LEU C 16 -10.11 3.47 26.49
CA LEU C 16 -10.98 2.75 25.56
C LEU C 16 -12.23 3.57 25.23
N LEU C 17 -12.62 3.55 23.97
CA LEU C 17 -14.02 3.72 23.59
C LEU C 17 -14.73 2.39 23.47
N VAL C 18 -15.73 2.16 24.32
CA VAL C 18 -16.49 0.92 24.30
C VAL C 18 -17.90 1.14 23.76
N VAL C 19 -18.26 0.36 22.75
CA VAL C 19 -19.57 0.49 22.12
C VAL C 19 -20.36 -0.81 22.19
N ALA C 20 -21.61 -0.73 22.64
CA ALA C 20 -22.48 -1.89 22.71
C ALA C 20 -23.56 -1.66 21.63
N ASP C 21 -23.65 -2.53 20.64
CA ASP C 21 -24.66 -2.34 19.61
C ASP C 21 -26.02 -2.76 20.14
N HIS C 22 -27.06 -2.53 19.35
CA HIS C 22 -28.41 -2.87 19.77
C HIS C 22 -28.62 -4.34 20.12
N ARG C 23 -27.82 -5.22 19.53
CA ARG C 23 -27.95 -6.65 19.80
C ARG C 23 -27.44 -7.00 21.19
N PHE C 24 -26.30 -6.43 21.56
CA PHE C 24 -25.70 -6.66 22.87
C PHE C 24 -26.63 -6.05 23.93
N TYR C 25 -27.09 -4.84 23.66
CA TYR C 25 -28.01 -4.12 24.54
C TYR C 25 -29.24 -4.96 24.85
N ARG C 26 -29.82 -5.56 23.81
CA ARG C 26 -31.01 -6.38 23.98
C ARG C 26 -30.80 -7.72 24.68
N TYR C 27 -29.83 -8.50 24.21
CA TYR C 27 -29.61 -9.83 24.79
C TYR C 27 -28.69 -9.95 25.97
N MET C 28 -27.70 -9.08 26.09
CA MET C 28 -26.80 -9.16 27.23
C MET C 28 -27.25 -8.13 28.30
N GLY C 29 -27.71 -6.96 27.85
CA GLY C 29 -28.14 -5.93 28.77
C GLY C 29 -29.62 -5.94 29.09
N ARG C 30 -30.35 -6.89 28.53
CA ARG C 30 -31.78 -7.04 28.75
C ARG C 30 -32.56 -5.75 28.50
N GLY C 31 -32.15 -5.00 27.49
CA GLY C 31 -32.83 -3.75 27.17
C GLY C 31 -32.79 -2.70 28.27
N GLU C 32 -31.76 -2.75 29.11
CA GLU C 32 -31.61 -1.80 30.21
C GLU C 32 -30.26 -1.13 30.11
N GLU C 33 -30.26 0.20 30.19
CA GLU C 33 -29.01 0.95 30.11
C GLU C 33 -28.03 0.62 31.26
N SER C 34 -28.55 0.50 32.47
CA SER C 34 -27.72 0.20 33.64
C SER C 34 -27.09 -1.18 33.53
N THR C 35 -27.90 -2.18 33.22
CA THR C 35 -27.41 -3.55 33.11
C THR C 35 -26.33 -3.66 32.03
N THR C 36 -26.57 -3.06 30.88
CA THR C 36 -25.61 -3.08 29.77
C THR C 36 -24.30 -2.38 30.19
N THR C 37 -24.43 -1.18 30.75
CA THR C 37 -23.29 -0.39 31.20
C THR C 37 -22.46 -1.10 32.25
N ASN C 38 -23.13 -1.65 33.27
CA ASN C 38 -22.45 -2.35 34.35
C ASN C 38 -21.75 -3.60 33.88
N TYR C 39 -22.36 -4.34 32.97
CA TYR C 39 -21.74 -5.57 32.46
C TYR C 39 -20.39 -5.23 31.78
N LEU C 40 -20.38 -4.18 30.97
CA LEU C 40 -19.16 -3.78 30.26
C LEU C 40 -18.12 -3.19 31.19
N ILE C 41 -18.55 -2.39 32.15
CA ILE C 41 -17.61 -1.79 33.09
C ILE C 41 -16.91 -2.92 33.86
N GLU C 42 -17.69 -3.88 34.34
CA GLU C 42 -17.11 -5.00 35.08
C GLU C 42 -16.21 -5.87 34.25
N LEU C 43 -16.63 -6.16 33.02
CA LEU C 43 -15.82 -7.01 32.15
C LEU C 43 -14.48 -6.35 31.83
N ILE C 44 -14.50 -5.08 31.44
CA ILE C 44 -13.25 -4.37 31.14
C ILE C 44 -12.34 -4.35 32.38
N ASP C 45 -12.94 -4.21 33.56
CA ASP C 45 -12.17 -4.19 34.80
C ASP C 45 -11.47 -5.52 35.04
N ARG C 46 -12.18 -6.64 34.83
CA ARG C 46 -11.58 -7.95 35.01
C ARG C 46 -10.46 -8.17 33.97
N VAL C 47 -10.70 -7.75 32.73
CA VAL C 47 -9.69 -7.88 31.68
C VAL C 47 -8.45 -7.02 32.10
N ASP C 48 -8.72 -5.83 32.63
CA ASP C 48 -7.65 -4.94 33.08
C ASP C 48 -6.82 -5.62 34.20
N ASP C 49 -7.46 -6.40 35.07
CA ASP C 49 -6.73 -7.09 36.12
C ASP C 49 -5.67 -7.99 35.48
N ILE C 50 -6.05 -8.69 34.41
CA ILE C 50 -5.10 -9.56 33.73
C ILE C 50 -3.93 -8.76 33.14
N TYR C 51 -4.25 -7.65 32.49
CA TYR C 51 -3.21 -6.82 31.88
C TYR C 51 -2.26 -6.13 32.87
N ARG C 52 -2.82 -5.47 33.88
CA ARG C 52 -1.99 -4.78 34.87
C ARG C 52 -1.08 -5.70 35.64
N ASN C 53 -1.55 -6.91 35.93
CA ASN C 53 -0.74 -7.86 36.67
C ASN C 53 0.27 -8.63 35.82
N THR C 54 0.29 -8.36 34.51
CA THR C 54 1.21 -9.03 33.62
C THR C 54 2.55 -8.30 33.60
N ALA C 55 3.64 -9.05 33.79
CA ALA C 55 4.98 -8.48 33.75
C ALA C 55 5.49 -8.77 32.34
N TRP C 56 5.36 -7.80 31.45
CA TRP C 56 5.74 -7.95 30.05
C TRP C 56 7.20 -8.35 29.82
N ASP C 57 8.07 -7.99 30.75
CA ASP C 57 9.50 -8.31 30.65
C ASP C 57 9.87 -9.41 31.66
N ASN C 58 8.85 -10.06 32.22
CA ASN C 58 9.04 -11.11 33.20
C ASN C 58 9.65 -10.59 34.51
N ALA C 59 9.65 -9.28 34.68
CA ALA C 59 10.21 -8.66 35.88
C ALA C 59 9.35 -7.51 36.43
N GLY C 60 9.90 -6.29 36.39
CA GLY C 60 9.17 -5.16 36.92
C GLY C 60 8.37 -4.31 35.94
N PHE C 61 8.39 -4.63 34.66
CA PHE C 61 7.63 -3.84 33.70
C PHE C 61 6.18 -4.28 33.73
N LYS C 62 5.41 -3.71 34.66
CA LYS C 62 4.01 -4.06 34.82
C LYS C 62 3.19 -2.83 35.18
N GLY C 63 1.90 -3.02 35.40
CA GLY C 63 1.03 -1.90 35.73
C GLY C 63 0.40 -1.26 34.51
N TYR C 64 0.58 -1.87 33.35
CA TYR C 64 0.00 -1.36 32.11
C TYR C 64 -1.32 -2.03 31.88
N GLY C 65 -2.34 -1.23 31.58
CA GLY C 65 -3.66 -1.78 31.36
C GLY C 65 -4.57 -0.91 30.52
N ILE C 66 -5.87 -1.08 30.75
CA ILE C 66 -6.90 -0.37 30.02
C ILE C 66 -7.94 0.21 30.95
N GLN C 67 -8.64 1.23 30.47
CA GLN C 67 -9.70 1.87 31.24
C GLN C 67 -10.67 2.47 30.30
N ILE C 68 -11.94 2.44 30.66
CA ILE C 68 -12.97 3.00 29.80
C ILE C 68 -12.99 4.51 29.86
N GLU C 69 -12.84 5.13 28.69
CA GLU C 69 -12.89 6.58 28.60
C GLU C 69 -14.33 6.99 28.31
N GLN C 70 -15.00 6.23 27.45
CA GLN C 70 -16.37 6.51 27.10
C GLN C 70 -17.13 5.27 26.68
N ILE C 71 -18.40 5.20 27.05
CA ILE C 71 -19.26 4.07 26.72
C ILE C 71 -20.40 4.57 25.86
N ARG C 72 -20.69 3.85 24.78
CA ARG C 72 -21.77 4.20 23.89
C ARG C 72 -22.70 3.04 23.77
N ILE C 73 -23.95 3.24 24.14
CA ILE C 73 -24.95 2.17 24.06
C ILE C 73 -25.93 2.50 22.96
N LEU C 74 -25.94 1.69 21.92
CA LEU C 74 -26.84 1.89 20.79
C LEU C 74 -28.08 1.08 21.13
N LYS C 75 -29.08 1.77 21.66
CA LYS C 75 -30.32 1.14 22.09
C LYS C 75 -31.26 0.66 21.03
N SER C 76 -31.10 1.17 19.81
CA SER C 76 -31.96 0.73 18.72
C SER C 76 -31.14 0.57 17.47
N PRO C 77 -31.64 -0.20 16.50
CA PRO C 77 -30.93 -0.44 15.24
C PRO C 77 -30.78 0.85 14.49
N GLN C 78 -29.74 0.93 13.67
CA GLN C 78 -29.49 2.12 12.85
C GLN C 78 -30.32 1.99 11.57
N GLU C 79 -31.23 2.93 11.36
CA GLU C 79 -32.05 2.89 10.16
C GLU C 79 -31.17 3.24 8.99
N VAL C 80 -31.30 2.47 7.92
CA VAL C 80 -30.50 2.70 6.72
C VAL C 80 -31.35 2.72 5.45
N LYS C 81 -30.85 3.41 4.43
CA LYS C 81 -31.55 3.49 3.15
C LYS C 81 -31.24 2.25 2.33
N PRO C 82 -32.05 1.98 1.29
CA PRO C 82 -31.79 0.79 0.47
C PRO C 82 -30.40 0.85 -0.07
N GLY C 83 -29.66 -0.25 0.09
CA GLY C 83 -28.31 -0.33 -0.39
C GLY C 83 -27.23 0.24 0.52
N GLU C 84 -27.62 0.82 1.64
CA GLU C 84 -26.66 1.41 2.57
C GLU C 84 -26.38 0.47 3.74
N LYS C 85 -25.20 0.61 4.34
CA LYS C 85 -24.80 -0.25 5.46
C LYS C 85 -24.32 0.55 6.65
N HIS C 86 -24.38 -0.08 7.82
CA HIS C 86 -23.92 0.52 9.08
C HIS C 86 -23.70 -0.65 10.05
N TYR C 87 -22.65 -0.59 10.85
CA TYR C 87 -22.37 -1.70 11.77
C TYR C 87 -23.50 -2.01 12.74
N ASN C 88 -24.35 -1.03 13.02
CA ASN C 88 -25.45 -1.20 13.94
C ASN C 88 -26.82 -1.37 13.25
N MET C 89 -26.81 -1.61 11.94
CA MET C 89 -28.07 -1.81 11.22
C MET C 89 -28.73 -3.12 11.73
N ALA C 90 -30.03 -3.22 11.60
CA ALA C 90 -30.77 -4.39 12.06
C ALA C 90 -30.39 -5.70 11.38
N LYS C 91 -30.25 -5.67 10.06
CA LYS C 91 -29.91 -6.88 9.30
C LYS C 91 -28.41 -7.11 9.17
N SER C 92 -28.01 -8.37 9.24
CA SER C 92 -26.59 -8.70 9.11
C SER C 92 -26.21 -8.58 7.63
N TYR C 93 -24.93 -8.29 7.38
CA TYR C 93 -24.42 -8.13 6.02
C TYR C 93 -23.20 -9.05 5.82
N PRO C 94 -23.06 -9.66 4.64
CA PRO C 94 -23.93 -9.57 3.46
C PRO C 94 -25.14 -10.53 3.44
N ASN C 95 -25.22 -11.44 4.41
CA ASN C 95 -26.31 -12.41 4.46
C ASN C 95 -27.28 -12.17 5.61
N GLU C 96 -28.47 -11.67 5.29
CA GLU C 96 -29.49 -11.35 6.29
C GLU C 96 -30.02 -12.56 7.09
N GLU C 97 -30.30 -13.66 6.39
CA GLU C 97 -30.81 -14.86 7.05
C GLU C 97 -29.95 -15.28 8.22
N LYS C 98 -28.64 -15.25 8.03
CA LYS C 98 -27.68 -15.62 9.06
C LYS C 98 -27.80 -14.72 10.25
N ASP C 99 -27.44 -15.24 11.41
CA ASP C 99 -27.47 -14.51 12.65
C ASP C 99 -26.43 -13.35 12.67
N ALA C 100 -25.37 -13.51 11.90
CA ALA C 100 -24.16 -12.72 12.07
C ALA C 100 -23.73 -12.08 10.75
N TRP C 101 -23.11 -10.91 10.83
CA TRP C 101 -22.25 -10.42 9.76
C TRP C 101 -21.23 -11.47 9.35
N ASP C 102 -20.60 -11.25 8.19
CA ASP C 102 -19.21 -11.64 8.00
C ASP C 102 -18.27 -10.82 8.87
N VAL C 103 -17.45 -11.51 9.66
CA VAL C 103 -16.81 -10.91 10.82
C VAL C 103 -15.79 -9.85 10.40
N LYS C 104 -15.09 -10.11 9.31
CA LYS C 104 -14.09 -9.18 8.79
C LYS C 104 -14.75 -7.91 8.31
N MET C 105 -15.84 -8.03 7.55
CA MET C 105 -16.52 -6.84 7.06
C MET C 105 -17.15 -6.05 8.21
N LEU C 106 -17.61 -6.74 9.25
CA LEU C 106 -18.20 -6.06 10.40
C LEU C 106 -17.12 -5.16 11.07
N LEU C 107 -15.91 -5.69 11.26
CA LEU C 107 -14.83 -4.92 11.88
C LEU C 107 -14.50 -3.69 11.04
N GLU C 108 -14.49 -3.86 9.72
CA GLU C 108 -14.19 -2.76 8.81
C GLU C 108 -15.31 -1.74 8.82
N GLN C 109 -16.56 -2.20 8.85
CA GLN C 109 -17.70 -1.29 8.88
C GLN C 109 -17.68 -0.49 10.19
N PHE C 110 -17.46 -1.17 11.31
CA PHE C 110 -17.41 -0.50 12.61
C PHE C 110 -16.32 0.57 12.59
N SER C 111 -15.14 0.21 12.12
CA SER C 111 -14.02 1.14 12.03
C SER C 111 -14.39 2.37 11.21
N PHE C 112 -15.09 2.15 10.10
CA PHE C 112 -15.50 3.25 9.23
C PHE C 112 -16.52 4.18 9.87
N ASP C 113 -17.58 3.61 10.44
CA ASP C 113 -18.63 4.41 11.06
C ASP C 113 -18.24 5.09 12.37
N ILE C 114 -17.31 4.49 13.10
CA ILE C 114 -16.87 5.03 14.40
C ILE C 114 -15.57 5.88 14.30
N ALA C 115 -15.06 6.06 13.10
CA ALA C 115 -13.83 6.81 12.87
C ALA C 115 -13.64 8.11 13.69
N GLU C 116 -14.63 9.00 13.62
CA GLU C 116 -14.55 10.27 14.34
C GLU C 116 -14.31 10.09 15.84
N GLU C 117 -15.02 9.14 16.45
CA GLU C 117 -14.86 8.88 17.87
C GLU C 117 -13.58 8.11 18.17
N ALA C 118 -13.23 7.17 17.28
CA ALA C 118 -12.03 6.36 17.45
C ALA C 118 -10.73 7.16 17.40
N SER C 119 -10.78 8.30 16.71
CA SER C 119 -9.61 9.17 16.59
C SER C 119 -9.22 9.80 17.91
N LYS C 120 -10.15 9.86 18.85
CA LYS C 120 -9.91 10.47 20.15
C LYS C 120 -9.48 9.50 21.30
N VAL C 121 -9.31 8.22 20.99
CA VAL C 121 -8.92 7.25 22.01
C VAL C 121 -7.85 6.28 21.57
N CYS C 122 -7.24 5.61 22.55
CA CYS C 122 -6.19 4.63 22.28
C CYS C 122 -6.76 3.45 21.50
N LEU C 123 -7.94 2.99 21.90
CA LEU C 123 -8.60 1.87 21.24
C LEU C 123 -10.10 1.96 21.33
N ALA C 124 -10.77 1.43 20.30
CA ALA C 124 -12.23 1.41 20.26
C ALA C 124 -12.62 -0.05 20.15
N HIS C 125 -13.57 -0.49 20.96
CA HIS C 125 -13.99 -1.88 20.94
C HIS C 125 -15.50 -2.01 20.86
N LEU C 126 -15.94 -2.91 20.00
CA LEU C 126 -17.36 -3.16 19.80
C LEU C 126 -17.78 -4.45 20.44
N PHE C 127 -18.88 -4.40 21.18
CA PHE C 127 -19.42 -5.60 21.81
C PHE C 127 -20.73 -5.85 21.12
N THR C 128 -20.89 -7.06 20.58
CA THR C 128 -22.12 -7.39 19.89
C THR C 128 -22.59 -8.75 20.33
N TYR C 129 -23.72 -9.19 19.79
CA TYR C 129 -24.27 -10.49 20.14
C TYR C 129 -24.73 -11.09 18.83
N GLN C 130 -23.76 -11.63 18.09
CA GLN C 130 -23.99 -12.24 16.78
C GLN C 130 -23.28 -13.58 16.69
N ASP C 131 -23.97 -14.58 16.16
CA ASP C 131 -23.39 -15.91 16.05
C ASP C 131 -22.58 -16.04 14.75
N PHE C 132 -21.32 -15.59 14.79
CA PHE C 132 -20.44 -15.66 13.63
C PHE C 132 -20.22 -17.08 13.20
N ASP C 133 -20.12 -17.28 11.88
CA ASP C 133 -19.95 -18.61 11.32
C ASP C 133 -18.74 -19.32 11.94
N MET C 134 -18.90 -20.61 12.23
CA MET C 134 -17.77 -21.50 12.43
C MET C 134 -17.03 -21.16 13.73
N GLY C 135 -17.75 -20.58 14.68
CA GLY C 135 -17.29 -20.52 16.06
C GLY C 135 -16.42 -19.31 16.33
N THR C 136 -16.36 -18.40 15.36
CA THR C 136 -15.61 -17.16 15.51
C THR C 136 -16.24 -16.34 16.64
N LEU C 137 -15.39 -15.81 17.53
CA LEU C 137 -15.87 -15.03 18.68
C LEU C 137 -15.43 -13.55 18.63
N GLY C 138 -14.34 -13.27 17.93
CA GLY C 138 -13.87 -11.91 17.85
C GLY C 138 -12.84 -11.68 16.76
N LEU C 139 -12.50 -10.41 16.55
CA LEU C 139 -11.53 -10.03 15.53
C LEU C 139 -10.95 -8.68 15.91
N ALA C 140 -9.69 -8.45 15.57
CA ALA C 140 -9.05 -7.17 15.89
C ALA C 140 -7.78 -6.94 15.12
N TYR C 141 -7.46 -5.67 14.89
CA TYR C 141 -6.25 -5.31 14.17
C TYR C 141 -5.05 -5.43 15.10
N VAL C 142 -3.98 -6.04 14.58
CA VAL C 142 -2.76 -6.24 15.36
C VAL C 142 -1.91 -4.98 15.41
N GLY C 143 -1.54 -4.57 16.62
CA GLY C 143 -0.70 -3.40 16.79
C GLY C 143 0.75 -3.73 16.50
N SER C 144 1.61 -2.72 16.63
CA SER C 144 3.03 -2.92 16.35
C SER C 144 3.83 -1.73 16.88
N PRO C 145 5.11 -1.96 17.23
CA PRO C 145 5.94 -0.87 17.74
C PRO C 145 6.30 0.16 16.67
N ARG C 146 6.15 -0.21 15.40
CA ARG C 146 6.47 0.67 14.29
C ARG C 146 5.58 1.89 14.24
N ALA C 147 6.21 3.06 14.16
CA ALA C 147 5.49 4.33 14.11
C ALA C 147 4.56 4.44 12.90
N ASN C 148 4.99 3.89 11.77
CA ASN C 148 4.18 3.94 10.55
C ASN C 148 3.04 2.92 10.54
N SER C 149 2.85 2.20 11.65
CA SER C 149 1.79 1.21 11.75
C SER C 149 0.48 1.91 12.06
N HIS C 150 -0.60 1.39 11.51
CA HIS C 150 -1.92 1.96 11.72
C HIS C 150 -2.77 1.15 12.72
N GLY C 151 -2.79 -0.16 12.54
CA GLY C 151 -3.57 -1.03 13.41
C GLY C 151 -3.13 -1.11 14.86
N GLY C 152 -4.04 -1.55 15.71
CA GLY C 152 -3.73 -1.68 17.12
C GLY C 152 -3.76 -0.37 17.89
N VAL C 153 -3.18 -0.40 19.09
CA VAL C 153 -3.14 0.76 19.96
C VAL C 153 -2.66 2.04 19.30
N CYS C 154 -3.31 3.14 19.65
CA CYS C 154 -3.00 4.48 19.15
C CYS C 154 -3.55 4.74 17.76
N PRO C 155 -4.43 5.74 17.64
CA PRO C 155 -5.06 6.12 16.38
C PRO C 155 -4.13 6.78 15.39
N LYS C 156 -3.90 6.11 14.26
CA LYS C 156 -3.06 6.63 13.20
C LYS C 156 -3.92 6.59 11.96
N ALA C 157 -4.46 7.75 11.58
CA ALA C 157 -5.34 7.84 10.42
C ALA C 157 -4.76 7.42 9.10
N TYR C 158 -5.63 6.86 8.27
CA TYR C 158 -5.27 6.43 6.92
C TYR C 158 -6.51 6.74 6.09
N TYR C 159 -6.36 7.63 5.12
CA TYR C 159 -7.46 8.08 4.27
C TYR C 159 -8.25 6.98 3.56
N SER C 160 -9.54 7.23 3.37
CA SER C 160 -10.44 6.32 2.69
C SER C 160 -11.18 7.07 1.59
N PRO C 161 -10.77 6.86 0.33
CA PRO C 161 -11.39 7.52 -0.83
C PRO C 161 -12.89 7.64 -0.68
N VAL C 162 -13.56 6.50 -0.52
CA VAL C 162 -15.01 6.49 -0.34
C VAL C 162 -15.32 6.91 1.09
N GLY C 163 -16.24 7.85 1.24
CA GLY C 163 -16.59 8.32 2.58
C GLY C 163 -16.00 9.68 2.91
N LYS C 164 -15.00 10.10 2.13
CA LYS C 164 -14.35 11.39 2.33
C LYS C 164 -14.01 11.60 3.78
N LYS C 165 -13.16 10.72 4.31
CA LYS C 165 -12.76 10.81 5.71
C LYS C 165 -11.58 9.91 5.99
N ASN C 166 -10.98 10.09 7.16
CA ASN C 166 -9.87 9.25 7.57
C ASN C 166 -10.47 8.23 8.49
N ILE C 167 -9.94 7.02 8.47
CA ILE C 167 -10.43 5.99 9.37
C ILE C 167 -9.27 5.50 10.19
N TYR C 168 -9.56 4.78 11.28
CA TYR C 168 -8.50 4.30 12.15
C TYR C 168 -8.63 2.85 12.41
N LEU C 169 -7.49 2.17 12.48
CA LEU C 169 -7.47 0.73 12.72
C LEU C 169 -7.20 0.35 14.18
N ASN C 170 -7.46 1.28 15.11
CA ASN C 170 -7.27 1.01 16.53
C ASN C 170 -8.58 0.42 17.04
N SER C 171 -8.99 -0.67 16.41
CA SER C 171 -10.26 -1.29 16.77
C SER C 171 -10.30 -2.82 16.86
N GLY C 172 -11.38 -3.31 17.46
CA GLY C 172 -11.57 -4.73 17.63
C GLY C 172 -12.99 -4.98 18.08
N LEU C 173 -13.43 -6.24 18.07
CA LEU C 173 -14.78 -6.55 18.49
C LEU C 173 -14.86 -7.88 19.18
N THR C 174 -15.89 -8.02 20.01
CA THR C 174 -16.16 -9.22 20.78
C THR C 174 -17.64 -9.55 20.66
N SER C 175 -17.95 -10.82 20.45
CA SER C 175 -19.36 -11.24 20.39
C SER C 175 -19.53 -12.20 21.54
N THR C 176 -20.64 -12.08 22.28
CA THR C 176 -20.87 -13.00 23.39
C THR C 176 -21.90 -14.07 23.07
N LYS C 177 -22.12 -14.33 21.79
CA LYS C 177 -23.05 -15.36 21.35
C LYS C 177 -22.26 -16.32 20.48
N ASN C 178 -22.44 -17.63 20.71
CA ASN C 178 -21.74 -18.64 19.91
C ASN C 178 -22.54 -19.92 19.94
N TYR C 179 -22.79 -20.47 18.76
CA TYR C 179 -23.58 -21.69 18.63
C TYR C 179 -24.96 -21.57 19.29
N GLY C 180 -25.65 -20.49 18.95
CA GLY C 180 -26.99 -20.24 19.46
C GLY C 180 -27.17 -19.95 20.93
N LYS C 181 -26.07 -19.80 21.67
CA LYS C 181 -26.14 -19.55 23.11
C LYS C 181 -25.20 -18.44 23.56
N THR C 182 -25.49 -17.88 24.73
CA THR C 182 -24.64 -16.85 25.30
C THR C 182 -23.42 -17.58 25.86
N ILE C 183 -22.22 -17.10 25.54
CA ILE C 183 -21.02 -17.75 26.06
C ILE C 183 -20.86 -17.44 27.54
N LEU C 184 -20.02 -18.21 28.23
CA LEU C 184 -19.82 -18.00 29.66
C LEU C 184 -19.15 -16.69 29.92
N THR C 185 -19.38 -16.15 31.12
CA THR C 185 -18.78 -14.89 31.51
C THR C 185 -17.25 -14.98 31.46
N LYS C 186 -16.69 -16.09 31.92
CA LYS C 186 -15.24 -16.24 31.91
C LYS C 186 -14.71 -16.37 30.47
N GLU C 187 -15.56 -16.85 29.56
CA GLU C 187 -15.16 -16.97 28.16
C GLU C 187 -15.17 -15.59 27.52
N ALA C 188 -16.18 -14.79 27.87
CA ALA C 188 -16.29 -13.43 27.34
C ALA C 188 -15.04 -12.65 27.72
N ASP C 189 -14.58 -12.81 28.97
CA ASP C 189 -13.38 -12.11 29.42
C ASP C 189 -12.17 -12.52 28.58
N LEU C 190 -12.04 -13.81 28.29
CA LEU C 190 -10.93 -14.31 27.48
C LEU C 190 -10.96 -13.78 26.04
N VAL C 191 -12.15 -13.69 25.44
CA VAL C 191 -12.26 -13.18 24.08
C VAL C 191 -11.78 -11.72 24.00
N THR C 192 -12.27 -10.87 24.91
CA THR C 192 -11.87 -9.47 24.90
C THR C 192 -10.37 -9.33 25.25
N THR C 193 -9.88 -10.17 26.16
CA THR C 193 -8.47 -10.15 26.54
C THR C 193 -7.64 -10.43 25.27
N HIS C 194 -8.06 -11.46 24.54
CA HIS C 194 -7.44 -11.90 23.31
C HIS C 194 -7.43 -10.84 22.19
N GLU C 195 -8.59 -10.24 21.92
CA GLU C 195 -8.69 -9.23 20.88
C GLU C 195 -7.90 -7.99 21.24
N LEU C 196 -8.02 -7.55 22.49
CA LEU C 196 -7.24 -6.40 22.95
C LEU C 196 -5.76 -6.81 22.89
N GLY C 197 -5.48 -8.11 23.03
CA GLY C 197 -4.13 -8.62 22.97
C GLY C 197 -3.55 -8.36 21.59
N HIS C 198 -4.34 -8.63 20.55
CA HIS C 198 -3.90 -8.39 19.18
C HIS C 198 -3.62 -6.91 19.05
N ASN C 199 -4.55 -6.09 19.54
CA ASN C 199 -4.40 -4.63 19.48
C ASN C 199 -3.10 -4.17 20.16
N PHE C 200 -2.73 -4.82 21.27
CA PHE C 200 -1.52 -4.45 21.99
C PHE C 200 -0.24 -4.99 21.32
N GLY C 201 -0.40 -5.70 20.21
CA GLY C 201 0.75 -6.21 19.48
C GLY C 201 0.95 -7.71 19.38
N ALA C 202 0.13 -8.48 20.09
CA ALA C 202 0.30 -9.93 20.14
C ALA C 202 -0.25 -10.59 18.88
N GLU C 203 0.52 -11.50 18.30
CA GLU C 203 -0.02 -12.47 17.35
C GLU C 203 -0.46 -13.75 18.06
N HIS C 204 -1.07 -14.66 17.31
CA HIS C 204 -1.43 -15.97 17.83
C HIS C 204 -0.21 -16.75 18.28
N ASP C 205 -0.39 -17.58 19.30
CA ASP C 205 0.69 -18.41 19.80
C ASP C 205 0.96 -19.46 18.78
N PRO C 206 2.23 -19.67 18.43
CA PRO C 206 2.57 -20.68 17.42
C PRO C 206 2.40 -22.05 17.94
N ASP C 207 1.52 -22.81 17.29
CA ASP C 207 1.32 -24.21 17.64
C ASP C 207 2.47 -25.07 17.13
N GLY C 208 3.03 -25.89 18.02
CA GLY C 208 4.24 -26.63 17.72
C GLY C 208 5.50 -25.79 17.87
N LEU C 209 6.65 -26.41 17.62
CA LEU C 209 7.87 -26.07 18.35
C LEU C 209 7.73 -24.72 19.04
N ALA C 210 7.21 -24.73 20.26
CA ALA C 210 7.19 -23.53 21.10
C ALA C 210 6.48 -23.79 22.41
N GLU C 211 7.11 -23.43 23.52
CA GLU C 211 6.51 -23.55 24.84
C GLU C 211 5.42 -22.51 25.04
N CYS C 212 5.07 -21.81 23.96
CA CYS C 212 4.01 -20.80 24.02
C CYS C 212 2.61 -21.43 23.80
N ALA C 213 2.59 -22.76 23.72
CA ALA C 213 1.35 -23.53 23.56
C ALA C 213 1.53 -24.87 24.31
N PRO C 214 1.67 -24.83 25.64
CA PRO C 214 1.85 -26.02 26.47
C PRO C 214 0.74 -27.03 26.35
N ASN C 215 0.97 -28.20 26.92
CA ASN C 215 -0.02 -29.27 26.89
C ASN C 215 -0.85 -29.21 28.15
N GLU C 216 -1.89 -30.04 28.18
CA GLU C 216 -2.81 -30.13 29.32
C GLU C 216 -2.11 -30.09 30.69
N ASP C 217 -1.12 -30.95 30.89
CA ASP C 217 -0.41 -31.02 32.16
C ASP C 217 0.56 -29.90 32.51
N GLN C 218 0.95 -29.10 31.53
CA GLN C 218 1.87 -28.00 31.80
C GLN C 218 1.14 -26.68 32.05
N GLY C 219 -0.18 -26.75 32.26
CA GLY C 219 -0.96 -25.56 32.52
C GLY C 219 -1.92 -25.21 31.40
N GLY C 220 -1.77 -25.86 30.25
CA GLY C 220 -2.66 -25.58 29.12
C GLY C 220 -2.16 -24.47 28.24
N LYS C 221 -2.97 -24.10 27.24
CA LYS C 221 -2.60 -23.04 26.31
C LYS C 221 -2.80 -21.69 26.87
N TYR C 222 -2.11 -20.71 26.29
CA TYR C 222 -2.23 -19.32 26.73
C TYR C 222 -3.37 -18.63 26.00
N VAL C 223 -3.76 -17.46 26.49
CA VAL C 223 -4.89 -16.73 25.91
C VAL C 223 -4.84 -16.43 24.42
N MET C 224 -3.65 -16.25 23.86
CA MET C 224 -3.55 -15.94 22.44
C MET C 224 -3.52 -17.14 21.50
N TYR C 225 -3.88 -18.32 22.00
CA TYR C 225 -3.92 -19.49 21.14
C TYR C 225 -5.08 -19.21 20.14
N PRO C 226 -4.88 -19.54 18.85
CA PRO C 226 -5.88 -19.34 17.79
C PRO C 226 -7.23 -20.01 18.02
N ILE C 227 -7.22 -21.12 18.75
CA ILE C 227 -8.46 -21.83 19.04
C ILE C 227 -8.86 -21.46 20.46
N ALA C 228 -10.02 -20.83 20.59
CA ALA C 228 -10.52 -20.38 21.89
C ALA C 228 -10.31 -21.37 23.02
N VAL C 229 -9.60 -20.93 24.04
CA VAL C 229 -9.33 -21.75 25.22
C VAL C 229 -10.58 -21.80 26.05
N SER C 230 -10.71 -22.84 26.86
CA SER C 230 -11.88 -23.00 27.72
C SER C 230 -11.88 -22.07 28.92
N GLY C 231 -10.69 -21.73 29.41
CA GLY C 231 -10.58 -20.88 30.57
C GLY C 231 -10.47 -21.69 31.85
N ASP C 232 -10.51 -23.02 31.71
CA ASP C 232 -10.43 -23.90 32.86
C ASP C 232 -9.00 -24.13 33.36
N HIS C 233 -8.02 -23.92 32.50
CA HIS C 233 -6.62 -24.17 32.86
C HIS C 233 -5.86 -22.91 33.28
N GLU C 234 -4.83 -23.11 34.10
CA GLU C 234 -4.00 -22.02 34.61
C GLU C 234 -3.56 -21.01 33.60
N ASN C 235 -2.89 -21.48 32.54
CA ASN C 235 -2.37 -20.59 31.52
C ASN C 235 -3.38 -19.90 30.62
N ASN C 236 -4.62 -20.39 30.60
CA ASN C 236 -5.66 -19.85 29.73
C ASN C 236 -5.95 -18.35 29.82
N LYS C 237 -5.83 -17.78 31.02
CA LYS C 237 -6.10 -16.37 31.22
C LYS C 237 -4.82 -15.49 31.19
N MET C 238 -3.67 -16.13 30.94
CA MET C 238 -2.40 -15.43 30.90
C MET C 238 -1.80 -15.33 29.50
N PHE C 239 -0.83 -14.43 29.34
CA PHE C 239 -0.16 -14.27 28.06
C PHE C 239 1.10 -15.10 28.04
N SER C 240 1.36 -15.75 26.90
CA SER C 240 2.54 -16.58 26.74
C SER C 240 3.77 -15.70 26.64
N GLN C 241 4.95 -16.32 26.63
CA GLN C 241 6.19 -15.58 26.51
C GLN C 241 6.22 -14.90 25.14
N CYS C 242 5.72 -15.60 24.12
CA CYS C 242 5.68 -15.07 22.76
C CYS C 242 4.85 -13.75 22.68
N SER C 243 3.69 -13.74 23.34
CA SER C 243 2.83 -12.56 23.35
C SER C 243 3.46 -11.41 24.14
N LYS C 244 4.03 -11.74 25.30
CA LYS C 244 4.65 -10.74 26.14
C LYS C 244 5.80 -10.07 25.42
N GLN C 245 6.56 -10.84 24.65
CA GLN C 245 7.68 -10.29 23.90
C GLN C 245 7.15 -9.24 22.87
N SER C 246 6.15 -9.62 22.08
CA SER C 246 5.57 -8.72 21.08
C SER C 246 4.90 -7.49 21.70
N ILE C 247 4.09 -7.72 22.72
CA ILE C 247 3.38 -6.63 23.39
C ILE C 247 4.33 -5.69 24.12
N TYR C 248 5.34 -6.27 24.77
CA TYR C 248 6.32 -5.46 25.49
C TYR C 248 6.91 -4.39 24.56
N LYS C 249 7.34 -4.82 23.37
CA LYS C 249 7.93 -3.90 22.42
C LYS C 249 6.94 -2.85 21.92
N THR C 250 5.68 -3.24 21.77
CA THR C 250 4.65 -2.29 21.32
C THR C 250 4.39 -1.24 22.39
N ILE C 251 4.33 -1.66 23.64
CA ILE C 251 4.08 -0.71 24.72
C ILE C 251 5.24 0.26 24.87
N GLU C 252 6.46 -0.26 24.83
CA GLU C 252 7.65 0.58 24.95
C GLU C 252 7.70 1.66 23.88
N SER C 253 7.16 1.35 22.71
CA SER C 253 7.17 2.29 21.59
C SER C 253 6.00 3.24 21.50
N LYS C 254 4.80 2.78 21.86
CA LYS C 254 3.63 3.63 21.75
C LYS C 254 2.98 4.13 23.03
N ALA C 255 3.48 3.72 24.19
CA ALA C 255 2.94 4.18 25.45
C ALA C 255 2.99 5.71 25.49
N GLN C 256 4.11 6.27 25.07
CA GLN C 256 4.28 7.73 25.05
C GLN C 256 3.41 8.39 23.98
N GLU C 257 3.01 7.61 22.97
CA GLU C 257 2.18 8.15 21.90
C GLU C 257 0.75 8.40 22.30
N CYS C 258 0.11 7.39 22.91
CA CYS C 258 -1.30 7.58 23.29
C CYS C 258 -1.77 7.06 24.64
N PHE C 259 -0.88 6.46 25.43
CA PHE C 259 -1.27 5.96 26.74
C PHE C 259 -1.39 7.14 27.69
N GLN C 260 -2.15 6.98 28.77
CA GLN C 260 -2.33 8.07 29.71
C GLN C 260 -2.30 7.60 31.15
N GLU C 261 -2.43 8.53 32.07
CA GLU C 261 -2.42 8.20 33.49
C GLU C 261 -3.68 7.48 33.86
N ARG C 262 -3.53 6.47 34.71
CA ARG C 262 -4.66 5.68 35.16
C ARG C 262 -5.54 6.53 36.06
N SER C 263 -6.81 6.68 35.68
CA SER C 263 -7.77 7.46 36.46
C SER C 263 -8.16 6.71 37.73
N PRO D 9 -3.14 -26.59 13.21
CA PRO D 9 -2.68 -27.60 12.25
C PRO D 9 -3.32 -28.96 12.40
N MET D 10 -4.62 -29.00 12.14
CA MET D 10 -5.38 -30.25 12.15
C MET D 10 -5.39 -30.72 10.69
N LYS D 11 -4.45 -30.17 9.92
CA LYS D 11 -4.29 -30.46 8.52
C LYS D 11 -2.81 -30.59 8.25
N ASN D 12 -2.24 -31.71 8.69
CA ASN D 12 -0.82 -31.96 8.49
C ASN D 12 -0.58 -33.33 7.83
N THR D 13 -1.66 -33.95 7.36
CA THR D 13 -1.56 -35.27 6.74
C THR D 13 -2.21 -35.34 5.37
N CYS D 14 -1.45 -35.79 4.39
CA CYS D 14 -1.94 -35.95 3.03
C CYS D 14 -2.47 -37.38 2.91
N LYS D 15 -3.79 -37.52 2.81
CA LYS D 15 -4.43 -38.82 2.70
C LYS D 15 -4.24 -39.34 1.30
N LEU D 16 -3.90 -40.61 1.21
CA LEU D 16 -3.54 -41.22 -0.08
C LEU D 16 -4.61 -42.20 -0.54
N LEU D 17 -4.86 -42.21 -1.85
CA LEU D 17 -5.38 -43.40 -2.51
C LEU D 17 -4.24 -44.26 -3.07
N VAL D 18 -4.12 -45.47 -2.55
CA VAL D 18 -3.09 -46.39 -3.00
C VAL D 18 -3.68 -47.52 -3.85
N VAL D 19 -3.17 -47.67 -5.07
CA VAL D 19 -3.67 -48.68 -5.98
C VAL D 19 -2.57 -49.64 -6.40
N ALA D 20 -2.84 -50.93 -6.32
CA ALA D 20 -1.89 -51.95 -6.76
C ALA D 20 -2.53 -52.57 -7.97
N ASP D 21 -1.86 -52.52 -9.11
CA ASP D 21 -2.44 -53.11 -10.32
C ASP D 21 -2.24 -54.63 -10.27
N HIS D 22 -2.75 -55.34 -11.26
CA HIS D 22 -2.64 -56.81 -11.27
C HIS D 22 -1.21 -57.33 -11.27
N ARG D 23 -0.29 -56.57 -11.86
CA ARG D 23 1.12 -56.98 -11.90
C ARG D 23 1.74 -56.96 -10.50
N PHE D 24 1.49 -55.89 -9.76
CA PHE D 24 2.02 -55.77 -8.40
C PHE D 24 1.43 -56.86 -7.52
N TYR D 25 0.12 -57.04 -7.63
CA TYR D 25 -0.62 -58.06 -6.89
C TYR D 25 0.00 -59.44 -7.12
N ARG D 26 0.23 -59.78 -8.37
CA ARG D 26 0.79 -61.07 -8.73
C ARG D 26 2.24 -61.30 -8.27
N TYR D 27 3.14 -60.38 -8.65
CA TYR D 27 4.55 -60.54 -8.34
C TYR D 27 5.06 -60.06 -6.97
N MET D 28 4.46 -59.01 -6.44
CA MET D 28 4.88 -58.52 -5.13
C MET D 28 3.97 -59.11 -4.03
N GLY D 29 2.67 -59.18 -4.31
CA GLY D 29 1.73 -59.72 -3.34
C GLY D 29 1.50 -61.22 -3.44
N ARG D 30 2.14 -61.87 -4.41
CA ARG D 30 2.01 -63.30 -4.63
C ARG D 30 0.51 -63.74 -4.79
N GLY D 31 -0.27 -62.90 -5.45
CA GLY D 31 -1.68 -63.21 -5.66
C GLY D 31 -2.50 -63.34 -4.39
N GLU D 32 -2.10 -62.63 -3.35
CA GLU D 32 -2.81 -62.67 -2.07
C GLU D 32 -3.19 -61.28 -1.64
N GLU D 33 -4.44 -61.12 -1.26
CA GLU D 33 -4.95 -59.82 -0.83
C GLU D 33 -4.21 -59.29 0.40
N SER D 34 -4.05 -60.16 1.39
CA SER D 34 -3.37 -59.79 2.63
C SER D 34 -1.92 -59.36 2.41
N THR D 35 -1.17 -60.20 1.72
CA THR D 35 0.23 -59.92 1.45
C THR D 35 0.43 -58.60 0.70
N THR D 36 -0.37 -58.38 -0.34
CA THR D 36 -0.26 -57.14 -1.12
C THR D 36 -0.61 -55.95 -0.23
N THR D 37 -1.72 -56.07 0.51
CA THR D 37 -2.18 -55.01 1.39
C THR D 37 -1.13 -54.65 2.44
N ASN D 38 -0.61 -55.66 3.15
CA ASN D 38 0.38 -55.44 4.19
C ASN D 38 1.65 -54.81 3.66
N TYR D 39 2.09 -55.23 2.48
CA TYR D 39 3.30 -54.67 1.90
C TYR D 39 3.18 -53.15 1.70
N LEU D 40 2.06 -52.72 1.13
CA LEU D 40 1.82 -51.30 0.88
C LEU D 40 1.61 -50.53 2.17
N ILE D 41 0.88 -51.11 3.11
CA ILE D 41 0.66 -50.44 4.37
C ILE D 41 2.01 -50.18 5.06
N GLU D 42 2.86 -51.19 5.09
CA GLU D 42 4.18 -51.07 5.71
C GLU D 42 5.10 -50.10 4.95
N LEU D 43 5.06 -50.15 3.63
CA LEU D 43 5.91 -49.27 2.83
C LEU D 43 5.50 -47.81 3.04
N ILE D 44 4.21 -47.52 2.94
CA ILE D 44 3.75 -46.15 3.14
C ILE D 44 4.10 -45.66 4.57
N ASP D 45 3.98 -46.55 5.55
CA ASP D 45 4.30 -46.21 6.94
C ASP D 45 5.79 -45.83 7.07
N ARG D 46 6.67 -46.61 6.44
CA ARG D 46 8.09 -46.30 6.49
C ARG D 46 8.39 -44.99 5.79
N VAL D 47 7.71 -44.74 4.68
CA VAL D 47 7.92 -43.50 3.94
C VAL D 47 7.43 -42.33 4.83
N ASP D 48 6.29 -42.55 5.49
CA ASP D 48 5.71 -41.54 6.37
C ASP D 48 6.71 -41.19 7.48
N ASP D 49 7.47 -42.16 7.97
CA ASP D 49 8.46 -41.89 9.01
C ASP D 49 9.47 -40.84 8.51
N ILE D 50 9.90 -40.95 7.26
CA ILE D 50 10.84 -39.98 6.71
C ILE D 50 10.20 -38.60 6.63
N TYR D 51 9.00 -38.53 6.09
CA TYR D 51 8.29 -37.25 5.97
C TYR D 51 7.93 -36.59 7.30
N ARG D 52 7.30 -37.35 8.17
CA ARG D 52 6.86 -36.85 9.47
C ARG D 52 8.02 -36.30 10.31
N ASN D 53 9.18 -36.95 10.23
CA ASN D 53 10.35 -36.51 10.98
C ASN D 53 11.19 -35.43 10.28
N THR D 54 10.71 -34.93 9.15
CA THR D 54 11.43 -33.90 8.43
C THR D 54 10.97 -32.52 8.86
N ALA D 55 11.92 -31.65 9.15
CA ALA D 55 11.62 -30.28 9.53
C ALA D 55 11.88 -29.48 8.28
N TRP D 56 10.81 -29.18 7.56
CA TRP D 56 10.90 -28.47 6.29
C TRP D 56 11.52 -27.08 6.37
N ASP D 57 11.43 -26.45 7.53
CA ASP D 57 12.02 -25.13 7.72
C ASP D 57 13.25 -25.23 8.65
N ASN D 58 13.72 -26.46 8.85
CA ASN D 58 14.87 -26.72 9.71
C ASN D 58 14.62 -26.29 11.15
N ALA D 59 13.35 -26.26 11.55
CA ALA D 59 12.98 -25.84 12.89
C ALA D 59 11.72 -26.57 13.41
N GLY D 60 10.61 -25.84 13.53
CA GLY D 60 9.38 -26.42 14.04
C GLY D 60 8.34 -26.85 13.03
N PHE D 61 8.54 -26.56 11.74
CA PHE D 61 7.58 -26.94 10.73
C PHE D 61 7.80 -28.41 10.36
N LYS D 62 7.30 -29.29 11.21
CA LYS D 62 7.43 -30.72 11.02
C LYS D 62 6.16 -31.42 11.42
N GLY D 63 6.16 -32.74 11.32
CA GLY D 63 4.97 -33.50 11.68
C GLY D 63 4.02 -33.71 10.52
N TYR D 64 4.43 -33.28 9.33
CA TYR D 64 3.61 -33.44 8.14
C TYR D 64 3.95 -34.73 7.49
N GLY D 65 2.93 -35.51 7.13
CA GLY D 65 3.18 -36.79 6.51
C GLY D 65 2.06 -37.30 5.63
N ILE D 66 2.04 -38.62 5.45
CA ILE D 66 1.05 -39.28 4.61
C ILE D 66 0.43 -40.46 5.32
N GLN D 67 -0.81 -40.77 4.96
CA GLN D 67 -1.53 -41.90 5.51
C GLN D 67 -2.44 -42.43 4.46
N ILE D 68 -2.67 -43.73 4.48
CA ILE D 68 -3.54 -44.36 3.50
C ILE D 68 -5.00 -44.16 3.86
N GLU D 69 -5.76 -43.63 2.91
CA GLU D 69 -7.20 -43.41 3.08
C GLU D 69 -7.92 -44.64 2.49
N GLN D 70 -7.54 -45.04 1.29
CA GLN D 70 -8.14 -46.17 0.62
C GLN D 70 -7.11 -46.98 -0.16
N ILE D 71 -7.24 -48.30 -0.13
CA ILE D 71 -6.37 -49.18 -0.88
C ILE D 71 -7.22 -49.94 -1.86
N ARG D 72 -6.78 -49.98 -3.11
CA ARG D 72 -7.50 -50.71 -4.14
C ARG D 72 -6.57 -51.72 -4.73
N ILE D 73 -6.97 -52.99 -4.71
CA ILE D 73 -6.14 -54.04 -5.28
C ILE D 73 -6.84 -54.57 -6.51
N LEU D 74 -6.22 -54.39 -7.68
CA LEU D 74 -6.80 -54.87 -8.93
C LEU D 74 -6.28 -56.29 -9.12
N LYS D 75 -7.09 -57.26 -8.71
CA LYS D 75 -6.71 -58.66 -8.76
C LYS D 75 -6.59 -59.31 -10.12
N SER D 76 -7.14 -58.66 -11.14
CA SER D 76 -7.05 -59.21 -12.49
C SER D 76 -6.92 -58.08 -13.49
N PRO D 77 -6.42 -58.40 -14.71
CA PRO D 77 -6.25 -57.39 -15.75
C PRO D 77 -7.57 -56.83 -16.19
N GLN D 78 -7.57 -55.55 -16.57
CA GLN D 78 -8.78 -54.90 -17.04
C GLN D 78 -9.01 -55.36 -18.48
N GLU D 79 -10.18 -55.93 -18.76
CA GLU D 79 -10.49 -56.36 -20.10
C GLU D 79 -10.81 -55.11 -20.90
N VAL D 80 -10.28 -55.04 -22.11
CA VAL D 80 -10.49 -53.90 -22.99
C VAL D 80 -10.89 -54.30 -24.40
N LYS D 81 -11.63 -53.43 -25.08
CA LYS D 81 -12.08 -53.68 -26.44
C LYS D 81 -10.94 -53.32 -27.40
N PRO D 82 -11.01 -53.79 -28.66
CA PRO D 82 -9.98 -53.48 -29.64
C PRO D 82 -9.75 -52.00 -29.71
N GLY D 83 -8.49 -51.59 -29.61
CA GLY D 83 -8.15 -50.17 -29.68
C GLY D 83 -8.30 -49.39 -28.38
N GLU D 84 -8.90 -50.00 -27.36
CA GLU D 84 -9.11 -49.34 -26.07
C GLU D 84 -7.91 -49.56 -25.13
N LYS D 85 -7.65 -48.57 -24.28
CA LYS D 85 -6.56 -48.63 -23.32
C LYS D 85 -7.05 -48.43 -21.89
N HIS D 86 -6.29 -48.99 -20.94
CA HIS D 86 -6.59 -48.85 -19.51
C HIS D 86 -5.28 -49.16 -18.80
N TYR D 87 -4.97 -48.41 -17.75
CA TYR D 87 -3.71 -48.60 -17.03
C TYR D 87 -3.52 -49.99 -16.45
N ASN D 88 -4.61 -50.71 -16.18
CA ASN D 88 -4.53 -52.05 -15.63
C ASN D 88 -4.76 -53.17 -16.69
N MET D 89 -4.65 -52.84 -17.97
CA MET D 89 -4.84 -53.86 -18.99
C MET D 89 -3.64 -54.79 -18.94
N ALA D 90 -3.82 -56.00 -19.45
CA ALA D 90 -2.75 -57.00 -19.44
C ALA D 90 -1.50 -56.65 -20.26
N LYS D 91 -1.71 -56.09 -21.45
CA LYS D 91 -0.60 -55.74 -22.33
C LYS D 91 -0.05 -54.36 -22.09
N SER D 92 1.27 -54.22 -22.22
CA SER D 92 1.90 -52.93 -22.04
C SER D 92 1.60 -52.10 -23.28
N TYR D 93 1.55 -50.79 -23.12
CA TYR D 93 1.26 -49.86 -24.21
C TYR D 93 2.35 -48.76 -24.26
N PRO D 94 2.73 -48.31 -25.47
CA PRO D 94 2.23 -48.72 -26.79
C PRO D 94 2.87 -49.99 -27.41
N ASN D 95 3.92 -50.52 -26.79
CA ASN D 95 4.61 -51.69 -27.32
C ASN D 95 4.36 -52.94 -26.48
N GLU D 96 3.48 -53.81 -26.98
CA GLU D 96 3.12 -55.05 -26.30
C GLU D 96 4.27 -55.99 -26.01
N GLU D 97 5.24 -56.03 -26.93
CA GLU D 97 6.39 -56.91 -26.76
C GLU D 97 7.33 -56.50 -25.65
N LYS D 98 7.19 -55.29 -25.16
CA LYS D 98 8.04 -54.82 -24.07
C LYS D 98 7.44 -55.21 -22.73
N ASP D 99 8.29 -55.35 -21.72
CA ASP D 99 7.81 -55.71 -20.39
C ASP D 99 6.91 -54.61 -19.78
N ALA D 100 7.15 -53.36 -20.18
CA ALA D 100 6.61 -52.21 -19.47
C ALA D 100 5.88 -51.26 -20.42
N TRP D 101 4.95 -50.51 -19.87
CA TRP D 101 4.49 -49.27 -20.50
C TRP D 101 5.66 -48.32 -20.77
N ASP D 102 5.48 -47.43 -21.74
CA ASP D 102 6.06 -46.10 -21.66
C ASP D 102 5.59 -45.35 -20.42
N VAL D 103 6.53 -44.81 -19.67
CA VAL D 103 6.30 -44.46 -18.26
C VAL D 103 5.41 -43.22 -18.16
N LYS D 104 5.61 -42.28 -19.08
CA LYS D 104 4.80 -41.05 -19.10
C LYS D 104 3.35 -41.37 -19.49
N MET D 105 3.17 -42.19 -20.52
CA MET D 105 1.82 -42.55 -20.94
C MET D 105 1.09 -43.32 -19.84
N LEU D 106 1.82 -44.15 -19.10
CA LEU D 106 1.21 -44.90 -18.01
C LEU D 106 0.66 -43.93 -16.92
N LEU D 107 1.48 -42.95 -16.52
CA LEU D 107 1.03 -41.99 -15.50
C LEU D 107 -0.21 -41.24 -16.00
N GLU D 108 -0.18 -40.82 -17.26
CA GLU D 108 -1.32 -40.11 -17.84
C GLU D 108 -2.56 -41.02 -17.91
N GLN D 109 -2.37 -42.27 -18.29
CA GLN D 109 -3.49 -43.21 -18.38
C GLN D 109 -4.08 -43.47 -16.97
N PHE D 110 -3.21 -43.65 -15.99
CA PHE D 110 -3.63 -43.89 -14.61
C PHE D 110 -4.50 -42.71 -14.14
N SER D 111 -3.99 -41.49 -14.33
CA SER D 111 -4.70 -40.29 -13.94
C SER D 111 -6.09 -40.25 -14.61
N PHE D 112 -6.13 -40.58 -15.88
CA PHE D 112 -7.38 -40.56 -16.62
C PHE D 112 -8.37 -41.59 -16.08
N ASP D 113 -7.93 -42.83 -15.92
CA ASP D 113 -8.81 -43.87 -15.43
C ASP D 113 -9.22 -43.76 -13.96
N ILE D 114 -8.32 -43.27 -13.11
CA ILE D 114 -8.59 -43.14 -11.68
C ILE D 114 -9.19 -41.77 -11.24
N ALA D 115 -9.42 -40.89 -12.21
CA ALA D 115 -9.95 -39.54 -11.93
C ALA D 115 -11.06 -39.44 -10.86
N GLU D 116 -12.14 -40.19 -11.04
CA GLU D 116 -13.26 -40.16 -10.08
C GLU D 116 -12.83 -40.37 -8.62
N GLU D 117 -11.90 -41.30 -8.40
CA GLU D 117 -11.40 -41.59 -7.07
C GLU D 117 -10.30 -40.63 -6.61
N ALA D 118 -9.50 -40.15 -7.56
CA ALA D 118 -8.43 -39.22 -7.25
C ALA D 118 -8.96 -37.86 -6.81
N SER D 119 -10.15 -37.50 -7.30
CA SER D 119 -10.76 -36.22 -6.96
C SER D 119 -11.10 -36.07 -5.48
N LYS D 120 -11.16 -37.18 -4.75
CA LYS D 120 -11.51 -37.17 -3.34
C LYS D 120 -10.34 -37.29 -2.37
N VAL D 121 -9.12 -37.37 -2.88
CA VAL D 121 -7.97 -37.52 -1.99
C VAL D 121 -6.88 -36.54 -2.29
N CYS D 122 -5.98 -36.38 -1.32
CA CYS D 122 -4.86 -35.47 -1.49
C CYS D 122 -3.96 -35.96 -2.66
N LEU D 123 -3.66 -37.25 -2.68
CA LEU D 123 -2.85 -37.83 -3.74
C LEU D 123 -3.24 -39.27 -4.04
N ALA D 124 -3.06 -39.68 -5.30
CA ALA D 124 -3.35 -41.05 -5.71
C ALA D 124 -2.03 -41.61 -6.20
N HIS D 125 -1.69 -42.83 -5.79
CA HIS D 125 -0.42 -43.43 -6.22
C HIS D 125 -0.59 -44.83 -6.70
N LEU D 126 0.01 -45.12 -7.84
CA LEU D 126 -0.05 -46.43 -8.44
C LEU D 126 1.21 -47.25 -8.16
N PHE D 127 1.03 -48.49 -7.73
CA PHE D 127 2.16 -49.39 -7.48
C PHE D 127 2.04 -50.46 -8.51
N THR D 128 3.08 -50.64 -9.30
CA THR D 128 3.07 -51.63 -10.37
C THR D 128 4.35 -52.43 -10.36
N TYR D 129 4.43 -53.41 -11.26
CA TYR D 129 5.60 -54.26 -11.36
C TYR D 129 5.88 -54.42 -12.83
N GLN D 130 6.56 -53.42 -13.40
CA GLN D 130 6.91 -53.38 -14.82
C GLN D 130 8.31 -52.87 -14.99
N ASP D 131 9.06 -53.45 -15.91
CA ASP D 131 10.44 -53.05 -16.13
C ASP D 131 10.55 -51.91 -17.17
N PHE D 132 10.43 -50.68 -16.70
CA PHE D 132 10.51 -49.52 -17.58
C PHE D 132 11.88 -49.43 -18.20
N ASP D 133 11.94 -48.98 -19.44
CA ASP D 133 13.20 -48.86 -20.16
C ASP D 133 14.24 -47.91 -19.47
N MET D 134 15.52 -48.24 -19.66
CA MET D 134 16.64 -47.46 -19.12
C MET D 134 16.67 -47.19 -17.60
N GLY D 135 16.30 -48.19 -16.81
CA GLY D 135 16.33 -48.05 -15.37
C GLY D 135 15.29 -47.16 -14.69
N THR D 136 14.30 -46.69 -15.44
CA THR D 136 13.27 -45.83 -14.87
C THR D 136 12.49 -46.60 -13.78
N LEU D 137 12.24 -45.94 -12.66
CA LEU D 137 11.53 -46.55 -11.53
C LEU D 137 10.21 -45.93 -11.16
N GLY D 138 10.02 -44.66 -11.49
CA GLY D 138 8.77 -44.01 -11.15
C GLY D 138 8.62 -42.66 -11.83
N LEU D 139 7.44 -42.06 -11.66
CA LEU D 139 7.15 -40.78 -12.28
C LEU D 139 6.01 -40.13 -11.50
N ALA D 140 6.03 -38.82 -11.37
CA ALA D 140 4.97 -38.12 -10.64
C ALA D 140 4.89 -36.66 -11.01
N TYR D 141 3.69 -36.10 -10.93
CA TYR D 141 3.49 -34.68 -11.24
C TYR D 141 4.04 -33.86 -10.09
N VAL D 142 4.74 -32.78 -10.42
CA VAL D 142 5.35 -31.92 -9.40
C VAL D 142 4.34 -30.94 -8.81
N GLY D 143 4.28 -30.90 -7.49
CA GLY D 143 3.37 -30.01 -6.80
C GLY D 143 3.84 -28.57 -6.83
N SER D 144 3.02 -27.66 -6.31
CA SER D 144 3.36 -26.25 -6.30
C SER D 144 2.50 -25.44 -5.34
N PRO D 145 3.02 -24.31 -4.84
CA PRO D 145 2.26 -23.46 -3.91
C PRO D 145 1.21 -22.64 -4.67
N ARG D 146 1.45 -22.44 -5.97
CA ARG D 146 0.53 -21.69 -6.81
C ARG D 146 -0.92 -22.09 -6.55
N ALA D 147 -1.81 -21.11 -6.51
CA ALA D 147 -3.12 -21.29 -5.89
C ALA D 147 -4.00 -22.21 -6.74
N ASN D 148 -4.05 -21.95 -8.04
CA ASN D 148 -4.77 -22.80 -8.97
C ASN D 148 -3.84 -23.63 -9.84
N SER D 149 -2.95 -24.39 -9.18
CA SER D 149 -2.06 -25.30 -9.88
C SER D 149 -2.57 -26.73 -9.83
N HIS D 150 -2.12 -27.54 -10.79
CA HIS D 150 -2.83 -28.76 -11.14
C HIS D 150 -2.12 -30.00 -10.58
N GLY D 151 -0.83 -30.13 -10.90
CA GLY D 151 -0.04 -31.23 -10.40
C GLY D 151 0.23 -31.30 -8.91
N GLY D 152 0.63 -32.49 -8.46
CA GLY D 152 0.95 -32.68 -7.06
C GLY D 152 -0.19 -32.70 -6.07
N VAL D 153 0.16 -32.51 -4.80
CA VAL D 153 -0.81 -32.53 -3.71
C VAL D 153 -2.05 -31.70 -3.94
N CYS D 154 -3.19 -32.26 -3.55
CA CYS D 154 -4.50 -31.63 -3.64
C CYS D 154 -5.11 -31.72 -5.02
N PRO D 155 -6.30 -32.30 -5.11
CA PRO D 155 -7.00 -32.43 -6.40
C PRO D 155 -7.52 -31.10 -6.94
N LYS D 156 -7.15 -30.80 -8.19
CA LYS D 156 -7.59 -29.59 -8.88
C LYS D 156 -7.98 -30.04 -10.26
N ALA D 157 -9.28 -30.05 -10.52
CA ALA D 157 -9.79 -30.48 -11.82
C ALA D 157 -9.14 -29.87 -13.00
N TYR D 158 -8.87 -30.72 -13.98
CA TYR D 158 -8.25 -30.30 -15.23
C TYR D 158 -9.05 -30.95 -16.30
N TYR D 159 -9.71 -30.14 -17.13
CA TYR D 159 -10.52 -30.69 -18.19
C TYR D 159 -9.59 -31.22 -19.26
N SER D 160 -9.57 -32.54 -19.42
CA SER D 160 -8.69 -33.16 -20.40
C SER D 160 -9.14 -32.89 -21.79
N PRO D 161 -8.28 -32.23 -22.59
CA PRO D 161 -8.61 -31.92 -23.99
C PRO D 161 -8.90 -33.19 -24.78
N VAL D 162 -8.02 -34.18 -24.65
CA VAL D 162 -8.18 -35.46 -25.34
C VAL D 162 -9.20 -36.38 -24.67
N GLY D 163 -9.16 -36.43 -23.33
CA GLY D 163 -10.07 -37.28 -22.59
C GLY D 163 -11.53 -36.87 -22.57
N LYS D 164 -11.79 -35.57 -22.66
CA LYS D 164 -13.15 -35.04 -22.66
C LYS D 164 -13.89 -35.24 -21.32
N LYS D 165 -13.18 -35.01 -20.23
CA LYS D 165 -13.72 -35.13 -18.88
C LYS D 165 -12.66 -34.59 -17.94
N ASN D 166 -12.99 -34.46 -16.66
CA ASN D 166 -12.02 -33.96 -15.70
C ASN D 166 -11.04 -35.05 -15.26
N ILE D 167 -9.77 -34.68 -15.15
CA ILE D 167 -8.74 -35.59 -14.67
C ILE D 167 -7.99 -34.80 -13.62
N TYR D 168 -7.23 -35.49 -12.78
CA TYR D 168 -6.49 -34.83 -11.72
C TYR D 168 -5.05 -35.23 -11.76
N LEU D 169 -4.16 -34.25 -11.61
CA LEU D 169 -2.73 -34.51 -11.68
C LEU D 169 -2.06 -34.68 -10.31
N ASN D 170 -2.84 -35.09 -9.31
CA ASN D 170 -2.35 -35.32 -7.96
C ASN D 170 -1.99 -36.78 -7.92
N SER D 171 -1.15 -37.20 -8.86
CA SER D 171 -0.79 -38.61 -8.98
C SER D 171 0.68 -38.90 -9.20
N GLY D 172 1.02 -40.17 -9.02
CA GLY D 172 2.39 -40.62 -9.19
C GLY D 172 2.39 -42.13 -9.21
N LEU D 173 3.51 -42.74 -9.60
CA LEU D 173 3.59 -44.19 -9.66
C LEU D 173 4.96 -44.68 -9.31
N THR D 174 5.00 -45.90 -8.78
CA THR D 174 6.23 -46.56 -8.39
C THR D 174 6.20 -47.96 -8.92
N SER D 175 7.31 -48.40 -9.53
CA SER D 175 7.41 -49.77 -10.00
C SER D 175 8.48 -50.43 -9.15
N THR D 176 8.25 -51.68 -8.74
CA THR D 176 9.25 -52.38 -7.94
C THR D 176 10.00 -53.44 -8.72
N LYS D 177 10.00 -53.30 -10.04
CA LYS D 177 10.74 -54.22 -10.91
C LYS D 177 11.70 -53.38 -11.71
N ASN D 178 12.95 -53.83 -11.82
CA ASN D 178 13.95 -53.11 -12.60
C ASN D 178 15.05 -54.07 -13.01
N TYR D 179 15.44 -54.01 -14.27
CA TYR D 179 16.47 -54.89 -14.81
C TYR D 179 16.20 -56.38 -14.56
N GLY D 180 14.97 -56.80 -14.87
CA GLY D 180 14.59 -58.19 -14.73
C GLY D 180 14.31 -58.75 -13.35
N LYS D 181 14.39 -57.93 -12.31
CA LYS D 181 14.14 -58.44 -10.97
C LYS D 181 13.53 -57.44 -10.02
N THR D 182 13.07 -57.94 -8.88
CA THR D 182 12.46 -57.09 -7.87
C THR D 182 13.52 -56.24 -7.21
N ILE D 183 13.26 -54.95 -7.08
CA ILE D 183 14.25 -54.08 -6.44
C ILE D 183 14.24 -54.36 -4.95
N LEU D 184 15.24 -53.85 -4.23
CA LEU D 184 15.32 -54.06 -2.79
C LEU D 184 14.22 -53.30 -2.08
N THR D 185 13.80 -53.81 -0.92
CA THR D 185 12.76 -53.13 -0.14
C THR D 185 13.18 -51.68 0.19
N LYS D 186 14.45 -51.47 0.54
CA LYS D 186 14.91 -50.13 0.88
C LYS D 186 14.90 -49.22 -0.37
N GLU D 187 15.07 -49.79 -1.56
CA GLU D 187 15.04 -49.01 -2.79
C GLU D 187 13.57 -48.63 -3.09
N ALA D 188 12.65 -49.56 -2.87
CA ALA D 188 11.24 -49.30 -3.09
C ALA D 188 10.81 -48.09 -2.23
N ASP D 189 11.22 -48.08 -0.96
CA ASP D 189 10.88 -46.98 -0.06
C ASP D 189 11.41 -45.66 -0.63
N LEU D 190 12.62 -45.70 -1.17
CA LEU D 190 13.25 -44.52 -1.76
C LEU D 190 12.52 -44.00 -3.01
N VAL D 191 12.05 -44.93 -3.85
CA VAL D 191 11.35 -44.52 -5.07
C VAL D 191 10.06 -43.83 -4.70
N THR D 192 9.30 -44.43 -3.79
CA THR D 192 8.04 -43.82 -3.39
C THR D 192 8.27 -42.47 -2.63
N THR D 193 9.29 -42.40 -1.80
CA THR D 193 9.60 -41.16 -1.07
C THR D 193 9.85 -40.04 -2.11
N HIS D 194 10.61 -40.40 -3.13
CA HIS D 194 10.99 -39.51 -4.23
C HIS D 194 9.79 -39.02 -5.08
N GLU D 195 8.95 -39.97 -5.51
CA GLU D 195 7.78 -39.63 -6.33
C GLU D 195 6.80 -38.80 -5.52
N LEU D 196 6.54 -39.21 -4.28
CA LEU D 196 5.66 -38.43 -3.42
C LEU D 196 6.35 -37.07 -3.21
N GLY D 197 7.69 -37.09 -3.22
CA GLY D 197 8.48 -35.88 -3.05
C GLY D 197 8.15 -34.88 -4.15
N HIS D 198 8.06 -35.37 -5.38
CA HIS D 198 7.70 -34.52 -6.50
C HIS D 198 6.31 -33.95 -6.25
N ASN D 199 5.38 -34.81 -5.85
CA ASN D 199 4.01 -34.39 -5.57
C ASN D 199 3.95 -33.29 -4.51
N PHE D 200 4.81 -33.41 -3.51
CA PHE D 200 4.86 -32.42 -2.42
C PHE D 200 5.54 -31.10 -2.84
N GLY D 201 6.02 -31.02 -4.08
CA GLY D 201 6.62 -29.78 -4.57
C GLY D 201 8.10 -29.80 -4.94
N ALA D 202 8.78 -30.88 -4.63
CA ALA D 202 10.22 -30.97 -4.86
C ALA D 202 10.54 -31.29 -6.31
N GLU D 203 11.43 -30.51 -6.90
CA GLU D 203 12.12 -30.92 -8.13
C GLU D 203 13.39 -31.71 -7.81
N HIS D 204 14.04 -32.21 -8.85
CA HIS D 204 15.31 -32.92 -8.68
C HIS D 204 16.38 -31.99 -8.10
N ASP D 205 17.34 -32.58 -7.40
CA ASP D 205 18.45 -31.82 -6.84
C ASP D 205 19.42 -31.59 -7.96
N PRO D 206 19.81 -30.32 -8.17
CA PRO D 206 20.76 -30.01 -9.24
C PRO D 206 22.17 -30.29 -8.79
N ASP D 207 23.09 -30.43 -9.74
CA ASP D 207 24.49 -30.69 -9.40
C ASP D 207 25.21 -29.39 -9.14
N GLY D 208 24.92 -28.78 -7.99
CA GLY D 208 25.53 -27.52 -7.62
C GLY D 208 24.59 -26.76 -6.71
N LEU D 209 24.68 -25.43 -6.72
CA LEU D 209 23.80 -24.60 -5.91
C LEU D 209 23.84 -25.00 -4.44
N ALA D 210 24.76 -24.39 -3.70
CA ALA D 210 25.22 -24.94 -2.43
C ALA D 210 25.83 -26.34 -2.62
N GLU D 211 25.25 -27.33 -1.94
CA GLU D 211 25.29 -28.70 -2.43
C GLU D 211 24.07 -29.49 -1.96
N CYS D 212 23.13 -29.70 -2.86
CA CYS D 212 21.99 -30.54 -2.59
C CYS D 212 22.28 -31.91 -3.20
N ALA D 213 23.55 -32.13 -3.52
CA ALA D 213 24.03 -33.39 -4.10
C ALA D 213 25.49 -33.62 -3.64
N PRO D 214 25.70 -33.86 -2.33
CA PRO D 214 27.03 -34.09 -1.75
C PRO D 214 27.70 -35.35 -2.27
N ASN D 215 29.03 -35.38 -2.19
CA ASN D 215 29.79 -36.54 -2.63
C ASN D 215 29.62 -37.66 -1.62
N GLU D 216 30.00 -38.86 -2.00
CA GLU D 216 29.89 -40.02 -1.11
C GLU D 216 30.57 -39.73 0.24
N ASP D 217 31.66 -38.97 0.20
CA ASP D 217 32.43 -38.61 1.38
C ASP D 217 31.62 -37.84 2.43
N GLN D 218 30.70 -36.99 1.98
CA GLN D 218 29.88 -36.18 2.87
C GLN D 218 28.45 -36.69 3.11
N GLY D 219 28.24 -37.99 2.95
CA GLY D 219 26.92 -38.55 3.17
C GLY D 219 26.18 -39.00 1.92
N GLY D 220 26.67 -38.60 0.75
CA GLY D 220 26.05 -39.00 -0.49
C GLY D 220 24.95 -38.07 -0.97
N LYS D 221 24.26 -38.49 -2.02
CA LYS D 221 23.17 -37.70 -2.60
C LYS D 221 21.90 -37.81 -1.79
N TYR D 222 21.02 -36.81 -1.93
CA TYR D 222 19.76 -36.83 -1.22
C TYR D 222 18.74 -37.56 -2.09
N VAL D 223 17.60 -37.90 -1.49
CA VAL D 223 16.56 -38.67 -2.18
C VAL D 223 16.04 -38.11 -3.52
N MET D 224 16.05 -36.79 -3.71
CA MET D 224 15.55 -36.23 -4.96
C MET D 224 16.58 -36.14 -6.09
N TYR D 225 17.71 -36.84 -5.95
CA TYR D 225 18.71 -36.82 -6.99
C TYR D 225 18.07 -37.52 -8.19
N PRO D 226 18.30 -37.00 -9.42
CA PRO D 226 17.74 -37.57 -10.66
C PRO D 226 18.14 -39.01 -10.94
N ILE D 227 19.31 -39.40 -10.44
CA ILE D 227 19.80 -40.77 -10.62
C ILE D 227 19.49 -41.51 -9.35
N ALA D 228 18.75 -42.61 -9.46
CA ALA D 228 18.37 -43.42 -8.31
C ALA D 228 19.50 -43.71 -7.32
N VAL D 229 19.32 -43.25 -6.09
CA VAL D 229 20.31 -43.49 -5.04
C VAL D 229 20.24 -44.95 -4.62
N SER D 230 21.33 -45.48 -4.10
CA SER D 230 21.36 -46.87 -3.66
C SER D 230 20.67 -47.06 -2.31
N GLY D 231 20.73 -46.02 -1.48
CA GLY D 231 20.14 -46.09 -0.16
C GLY D 231 21.16 -46.51 0.89
N ASP D 232 22.40 -46.73 0.47
CA ASP D 232 23.46 -47.14 1.39
C ASP D 232 24.01 -45.99 2.22
N HIS D 233 24.00 -44.79 1.66
CA HIS D 233 24.53 -43.61 2.33
C HIS D 233 23.45 -42.83 3.11
N GLU D 234 23.85 -42.27 4.25
CA GLU D 234 22.96 -41.51 5.12
C GLU D 234 22.00 -40.51 4.48
N ASN D 235 22.53 -39.66 3.60
CA ASN D 235 21.70 -38.65 2.95
C ASN D 235 20.67 -39.20 1.95
N ASN D 236 20.91 -40.40 1.44
CA ASN D 236 20.01 -41.02 0.46
C ASN D 236 18.55 -41.10 0.85
N LYS D 237 18.27 -41.28 2.14
CA LYS D 237 16.90 -41.38 2.62
C LYS D 237 16.26 -40.05 3.03
N MET D 238 17.04 -38.97 2.98
CA MET D 238 16.54 -37.66 3.39
C MET D 238 16.43 -36.64 2.27
N PHE D 239 15.72 -35.55 2.56
CA PHE D 239 15.53 -34.47 1.61
C PHE D 239 16.58 -33.39 1.79
N SER D 240 17.10 -32.89 0.68
CA SER D 240 18.12 -31.84 0.70
C SER D 240 17.47 -30.52 1.05
N GLN D 241 18.31 -29.49 1.21
CA GLN D 241 17.80 -28.16 1.53
C GLN D 241 16.99 -27.62 0.38
N CYS D 242 17.40 -27.98 -0.84
CA CYS D 242 16.71 -27.55 -2.04
C CYS D 242 15.29 -28.12 -2.06
N SER D 243 15.17 -29.40 -1.72
CA SER D 243 13.86 -30.06 -1.67
C SER D 243 13.02 -29.52 -0.53
N LYS D 244 13.63 -29.32 0.64
CA LYS D 244 12.91 -28.80 1.79
C LYS D 244 12.32 -27.43 1.52
N GLN D 245 13.08 -26.58 0.86
CA GLN D 245 12.62 -25.24 0.54
C GLN D 245 11.38 -25.31 -0.41
N SER D 246 11.46 -26.12 -1.46
CA SER D 246 10.35 -26.26 -2.40
C SER D 246 9.12 -26.86 -1.74
N ILE D 247 9.31 -27.95 -0.99
CA ILE D 247 8.20 -28.60 -0.33
C ILE D 247 7.59 -27.73 0.75
N TYR D 248 8.44 -27.06 1.53
CA TYR D 248 7.95 -26.18 2.58
C TYR D 248 6.93 -25.18 2.01
N LYS D 249 7.29 -24.50 0.92
CA LYS D 249 6.41 -23.52 0.29
C LYS D 249 5.10 -24.14 -0.20
N THR D 250 5.19 -25.35 -0.76
CA THR D 250 3.99 -26.01 -1.25
C THR D 250 3.05 -26.42 -0.10
N ILE D 251 3.62 -27.01 0.96
CA ILE D 251 2.82 -27.42 2.12
C ILE D 251 2.14 -26.22 2.78
N GLU D 252 2.90 -25.15 2.96
CA GLU D 252 2.39 -23.95 3.59
C GLU D 252 1.15 -23.43 2.84
N SER D 253 1.10 -23.67 1.54
CA SER D 253 0.04 -23.15 0.70
C SER D 253 -1.11 -24.14 0.59
N LYS D 254 -0.78 -25.42 0.55
CA LYS D 254 -1.71 -26.45 0.08
C LYS D 254 -2.27 -27.26 1.24
N ALA D 255 -1.55 -27.28 2.35
CA ALA D 255 -1.97 -28.02 3.53
C ALA D 255 -3.39 -27.62 3.95
N GLN D 256 -3.65 -26.32 3.97
CA GLN D 256 -4.96 -25.80 4.34
C GLN D 256 -6.04 -26.24 3.35
N GLU D 257 -5.65 -26.43 2.09
CA GLU D 257 -6.58 -26.82 1.05
C GLU D 257 -7.05 -28.28 1.10
N CYS D 258 -6.14 -29.23 1.32
CA CYS D 258 -6.57 -30.62 1.33
C CYS D 258 -5.96 -31.56 2.36
N PHE D 259 -5.05 -31.07 3.19
CA PHE D 259 -4.45 -31.91 4.22
C PHE D 259 -5.48 -32.10 5.33
N GLN D 260 -5.43 -33.25 6.00
CA GLN D 260 -6.35 -33.56 7.07
C GLN D 260 -5.64 -33.96 8.37
N GLU D 261 -6.42 -34.33 9.38
CA GLU D 261 -5.89 -34.72 10.68
C GLU D 261 -5.32 -36.13 10.62
N ARG D 262 -4.16 -36.32 11.25
CA ARG D 262 -3.54 -37.63 11.27
C ARG D 262 -4.39 -38.59 12.05
N SER D 263 -4.80 -39.67 11.38
CA SER D 263 -5.62 -40.70 12.00
C SER D 263 -4.74 -41.67 12.75
ZN ZN E . 17.61 9.01 -21.51
C0 INN F . 20.96 6.50 -21.70
C INN F . 19.54 7.06 -21.74
O INN F . 19.27 8.03 -22.44
N INN F . 18.65 6.44 -21.00
O4 INN F . 17.43 7.06 -20.80
C4 INN F . 23.28 7.05 -21.08
O1 INN F . 23.57 5.95 -20.64
CA INN F . 21.85 7.54 -20.99
CB INN F . 21.44 7.66 -19.51
C1 INN F . 22.29 8.56 -18.62
C2 INN F . 22.17 10.03 -19.08
C3 INN F . 21.84 8.40 -17.16
N1 INN F . 24.12 7.88 -21.67
C5 INN F . 25.47 7.39 -22.00
C6 INN F . 25.68 7.31 -23.52
C7 INN F . 24.73 6.25 -24.12
C8 INN F . 25.42 8.70 -24.20
C9 INN F . 27.14 6.86 -23.83
C10 INN F . 26.50 8.27 -21.34
O2 INN F . 26.45 9.49 -21.46
N2 INN F . 27.45 7.61 -20.64
C11 INN F . 28.63 8.37 -20.26
C13 INN F . 29.73 8.17 -21.29
O3 INN F . 29.96 7.06 -21.75
C12 INN F . 29.18 7.93 -18.90
N4 INN F . 33.77 9.18 -23.04
C15 INN F . 32.78 9.03 -21.97
C14 INN F . 31.40 9.09 -22.62
N3 INN F . 30.37 9.28 -21.61
ZN ZN G . -12.50 49.82 -6.51
C0 INN H . -9.45 52.73 -6.28
C INN H . -10.25 51.47 -6.58
O INN H . -11.38 51.55 -7.04
N INN H . -9.62 50.34 -6.27
O4 INN H . -10.37 49.20 -6.28
C4 INN H . -9.32 54.74 -4.97
O1 INN H . -8.12 54.72 -4.75
CA INN H . -10.10 53.44 -5.11
CB INN H . -9.95 52.62 -3.80
C1 INN H . -10.59 53.30 -2.55
C2 INN H . -12.10 53.51 -2.76
C3 INN H . -10.28 52.43 -1.31
N1 INN H . -10.02 55.88 -5.11
C5 INN H . -9.34 57.17 -5.20
C6 INN H . -9.53 57.81 -6.61
C7 INN H . -8.80 56.90 -7.66
C8 INN H . -11.03 57.96 -6.97
C9 INN H . -8.90 59.25 -6.65
C10 INN H . -9.84 58.09 -4.09
O2 INN H . -11.04 58.23 -3.89
N2 INN H . -8.88 58.70 -3.39
C11 INN H . -9.38 59.72 -2.49
C13 INN H . -9.16 61.09 -3.13
O3 INN H . -8.11 61.35 -3.71
C12 INN H . -8.65 59.65 -1.15
N4 INN H . -10.06 64.55 -1.67
C15 INN H . -9.27 64.21 -2.85
C14 INN H . -10.05 63.20 -3.70
N3 INN H . -10.17 61.94 -2.99
ZN ZN I . -7.00 -14.03 17.42
S1 KGY J . -10.28 -15.78 10.69
C2 KGY J . -10.16 -14.25 9.95
O3 KGY J . -9.30 -16.60 10.06
O4 KGY J . -11.63 -16.28 10.64
C5 KGY J . -11.15 -13.51 9.30
C6 KGY J . -8.99 -13.47 9.88
N7 KGY J . -10.56 -12.36 8.88
C8 KGY J . -12.56 -13.84 9.07
O9 KGY J . -9.29 -12.34 9.22
C10 KGY J . -7.63 -13.75 10.40
N11 KGY J . -9.89 -15.46 12.27
C12 KGY J . -8.67 -16.01 12.87
C13 KGY J . -9.01 -16.81 14.15
C14 KGY J . -9.98 -16.08 15.13
C15 KGY J . -11.17 -15.38 14.40
C16 KGY J . -10.78 -14.64 13.10
C17 KGY J . -9.14 -15.11 15.98
C18 KGY J . -10.43 -17.22 16.03
O19 KGY J . -8.08 -15.48 16.46
N20 KGY J . -9.64 -13.86 16.15
S21 KGY J . -11.72 -17.10 17.23
O22 KGY J . -12.20 -18.44 17.36
O23 KGY J . -12.69 -16.14 16.75
C24 KGY J . -11.15 -16.63 18.84
C25 KGY J . -11.65 -15.43 19.44
C26 KGY J . -11.19 -15.08 20.75
C27 KGY J . -10.26 -15.92 21.42
C28 KGY J . -9.76 -17.12 20.80
C29 KGY J . -10.20 -17.48 19.50
O30 KGY J . -9.87 -15.50 22.72
C31 KGY J . -9.69 -16.50 23.75
C32 KGY J . -10.97 -17.08 24.21
C33 KGY J . -12.00 -17.58 24.56
C34 KGY J . -13.25 -18.16 25.03
O35 KGY J . -8.99 -12.93 16.89
ZN ZN K . 12.23 -37.77 -10.15
S1 KGY L . 12.88 -39.94 -18.12
C2 KGY L . 11.24 -39.52 -18.34
O3 KGY L . 13.63 -38.82 -18.61
O4 KGY L . 13.19 -41.21 -18.75
C5 KGY L . 10.29 -40.15 -19.14
C6 KGY L . 10.61 -38.45 -17.72
N7 KGY L . 9.14 -39.45 -18.98
C8 KGY L . 10.40 -41.33 -20.02
O9 KGY L . 9.33 -38.45 -18.15
C10 KGY L . 11.12 -37.45 -16.79
N11 KGY L . 13.08 -40.13 -16.49
C12 KGY L . 14.07 -39.31 -15.77
C13 KGY L . 13.57 -38.88 -14.36
C14 KGY L . 13.00 -40.07 -13.53
C15 KGY L . 11.86 -40.74 -14.34
C16 KGY L . 12.29 -41.17 -15.77
C17 KGY L . 12.47 -39.46 -12.24
C18 KGY L . 14.21 -40.98 -13.17
O19 KGY L . 13.18 -38.75 -11.54
N20 KGY L . 11.20 -39.77 -11.93
S21 KGY L . 14.07 -42.54 -12.31
O22 KGY L . 15.29 -43.24 -12.60
O23 KGY L . 12.87 -43.18 -12.77
C24 KGY L . 14.03 -42.39 -10.55
C25 KGY L . 12.88 -42.85 -9.83
C26 KGY L . 12.87 -42.74 -8.41
C27 KGY L . 14.00 -42.20 -7.72
C28 KGY L . 15.16 -41.73 -8.46
C29 KGY L . 15.17 -41.84 -9.89
O30 KGY L . 13.90 -42.15 -6.32
C31 KGY L . 15.06 -42.51 -5.53
C32 KGY L . 15.38 -43.95 -5.59
C33 KGY L . 15.70 -45.12 -5.64
C34 KGY L . 16.10 -46.51 -5.66
O35 KGY L . 10.64 -39.28 -10.81
#